data_4KP3
#
_entry.id   4KP3
#
_cell.length_a   81.850
_cell.length_b   107.933
_cell.length_c   83.510
_cell.angle_alpha   90.000
_cell.angle_beta   96.140
_cell.angle_gamma   90.000
#
_symmetry.space_group_name_H-M   'P 1 21 1'
#
loop_
_entity.id
_entity.type
_entity.pdbx_description
1 polymer 'Unconventional myosin-Va'
2 polymer 'RILP-like protein 2'
3 polymer Melanophilin
4 water water
#
loop_
_entity_poly.entity_id
_entity_poly.type
_entity_poly.pdbx_seq_one_letter_code
_entity_poly.pdbx_strand_id
1 'polypeptide(L)'
;HHHHHHSSGLGVLFQGPGSKDFQGMLEYKREDEQKLVKNLILELKPRGVAVNLIPGLPAYILFMCVRHADYLNDDQKVRS
LLTSTINSIKKVLKKRGDDFETVSFWLSNTCRFLHCLKQYSGEEGFMKHNTSRQNEHCLTNFDLAEYRQVLSDLAIQIYQ
QLVRVLENILQPMIVSGMLEHETIQGVSGVKPTGLRKRTSSIADEGTYTLDSILRQLNSFHSVMSQHGMDPELIKQVVKQ
MFYIVGAITLNNLLLRKDMCSWSKGMQIRYNVSQLEEWLRDKNLMNSGAKETLEPLIQAAQLLQVKKKTDDDAEAICSMC
NALTTAQIVKVLNLYTPVNEFEERVSVSFIRTIQMRLRDRKDSPQLLMDAKHIFPVTFPFNPSSLALETIQIPASLGLGF
IARV
;
A,B
2 'polypeptide(L)'
;GPGSEFMEDHPVREEEDGEEDEGALAKSPLQLTTDDVYDISYVVGRELMALGSDPRVTRLQFKIVRVMEMLETLVNEGSL
AVEELRMERDNLKQEVEGLRKAG
;
C,D
3 'polypeptide(L)' GPGSDLDTEARDQPLNSKKKKRLLSFRDVDFEEDSDHLVQPCS E,F
#
# COMPACT_ATOMS: atom_id res chain seq x y z
N ASP A 21 -7.39 -16.80 14.63
CA ASP A 21 -8.57 -16.14 14.10
C ASP A 21 -9.33 -15.40 15.19
N PHE A 22 -9.78 -14.19 14.86
CA PHE A 22 -10.59 -13.41 15.78
C PHE A 22 -12.07 -13.55 15.43
N GLN A 23 -12.93 -13.25 16.37
CA GLN A 23 -14.37 -13.40 16.16
C GLN A 23 -14.98 -12.13 15.58
N GLY A 24 -14.23 -11.04 15.64
CA GLY A 24 -14.71 -9.78 15.12
C GLY A 24 -15.39 -8.95 16.19
N MET A 25 -14.91 -9.07 17.42
CA MET A 25 -15.43 -8.29 18.53
C MET A 25 -14.32 -7.46 19.16
N LEU A 26 -14.71 -6.43 19.90
CA LEU A 26 -13.75 -5.57 20.58
C LEU A 26 -14.08 -5.48 22.06
N GLU A 27 -13.07 -5.71 22.90
CA GLU A 27 -13.26 -5.66 24.34
C GLU A 27 -12.57 -4.43 24.92
N TYR A 28 -13.19 -3.86 25.94
CA TYR A 28 -12.61 -2.73 26.66
C TYR A 28 -13.08 -2.80 28.11
N LYS A 29 -12.26 -2.29 29.03
CA LYS A 29 -12.63 -2.28 30.43
C LYS A 29 -13.70 -1.20 30.67
N ARG A 30 -14.66 -1.52 31.53
CA ARG A 30 -15.80 -0.63 31.79
C ARG A 30 -15.39 0.78 32.21
N GLU A 31 -14.28 0.88 32.93
CA GLU A 31 -13.77 2.16 33.38
C GLU A 31 -13.12 2.96 32.25
N ASP A 32 -12.87 2.31 31.12
CA ASP A 32 -12.26 2.96 29.97
C ASP A 32 -13.29 3.50 28.98
N GLU A 33 -14.57 3.28 29.29
CA GLU A 33 -15.64 3.63 28.36
C GLU A 33 -15.66 5.11 27.98
N GLN A 34 -15.39 5.98 28.95
CA GLN A 34 -15.33 7.42 28.66
C GLN A 34 -14.17 7.77 27.73
N LYS A 35 -13.00 7.21 28.00
CA LYS A 35 -11.82 7.42 27.16
C LYS A 35 -12.08 6.92 25.75
N LEU A 36 -12.84 5.83 25.65
CA LEU A 36 -13.22 5.24 24.37
C LEU A 36 -14.05 6.20 23.50
N VAL A 37 -15.15 6.73 24.03
CA VAL A 37 -15.98 7.62 23.23
C VAL A 37 -15.31 8.97 23.04
N LYS A 38 -14.39 9.30 23.94
CA LYS A 38 -13.61 10.54 23.81
C LYS A 38 -12.73 10.49 22.57
N ASN A 39 -12.04 9.38 22.37
CA ASN A 39 -11.12 9.24 21.25
C ASN A 39 -11.81 8.84 19.96
N LEU A 40 -12.88 8.07 20.09
CA LEU A 40 -13.56 7.53 18.92
C LEU A 40 -14.66 8.46 18.40
N ILE A 41 -15.19 9.33 19.27
CA ILE A 41 -16.27 10.21 18.85
C ILE A 41 -16.00 11.71 19.09
N LEU A 42 -15.74 12.08 20.34
CA LEU A 42 -15.62 13.49 20.71
C LEU A 42 -14.45 14.20 20.05
N GLU A 43 -13.32 13.53 19.93
CA GLU A 43 -12.12 14.18 19.45
C GLU A 43 -11.57 13.57 18.17
N LEU A 44 -12.34 12.66 17.58
CA LEU A 44 -11.96 12.06 16.31
C LEU A 44 -12.13 13.06 15.18
N LYS A 45 -11.09 13.26 14.40
CA LYS A 45 -11.16 14.17 13.26
C LYS A 45 -11.82 13.49 12.07
N PRO A 46 -12.70 14.23 11.37
CA PRO A 46 -13.45 13.71 10.23
C PRO A 46 -12.59 13.51 8.99
N ARG A 47 -11.38 14.02 9.03
CA ARG A 47 -10.43 13.83 7.94
C ARG A 47 -9.13 13.28 8.52
N GLY A 48 -8.76 12.08 8.10
CA GLY A 48 -7.58 11.44 8.62
C GLY A 48 -7.21 10.20 7.82
N VAL A 49 -6.01 9.69 8.05
CA VAL A 49 -5.52 8.53 7.32
C VAL A 49 -6.45 7.31 7.45
N ALA A 50 -6.67 6.87 8.68
CA ALA A 50 -7.46 5.68 8.93
C ALA A 50 -8.92 5.79 8.44
N VAL A 51 -9.60 6.89 8.77
CA VAL A 51 -10.99 7.04 8.32
C VAL A 51 -11.13 7.27 6.80
N ASN A 52 -10.11 7.87 6.18
CA ASN A 52 -10.13 7.98 4.72
C ASN A 52 -9.91 6.64 4.02
N LEU A 53 -9.00 5.84 4.56
CA LEU A 53 -8.72 4.52 4.00
C LEU A 53 -9.90 3.57 4.22
N ILE A 54 -10.45 3.60 5.43
CA ILE A 54 -11.61 2.77 5.75
C ILE A 54 -12.79 3.63 6.19
N PRO A 55 -13.60 4.09 5.23
CA PRO A 55 -14.77 4.94 5.55
C PRO A 55 -15.76 4.18 6.43
N GLY A 56 -16.26 4.83 7.47
CA GLY A 56 -17.22 4.20 8.36
C GLY A 56 -16.58 3.44 9.49
N LEU A 57 -15.26 3.51 9.58
CA LEU A 57 -14.48 2.79 10.58
C LEU A 57 -14.94 2.98 12.03
N PRO A 58 -15.18 4.23 12.47
CA PRO A 58 -15.64 4.33 13.86
C PRO A 58 -16.97 3.63 14.12
N ALA A 59 -17.85 3.56 13.11
CA ALA A 59 -19.10 2.83 13.28
C ALA A 59 -18.86 1.32 13.38
N TYR A 60 -18.01 0.77 12.51
CA TYR A 60 -17.65 -0.64 12.59
C TYR A 60 -17.03 -0.97 13.95
N ILE A 61 -16.14 -0.10 14.42
CA ILE A 61 -15.51 -0.27 15.73
C ILE A 61 -16.55 -0.25 16.84
N LEU A 62 -17.45 0.73 16.80
CA LEU A 62 -18.52 0.86 17.80
C LEU A 62 -19.37 -0.40 17.88
N PHE A 63 -19.82 -0.86 16.73
CA PHE A 63 -20.61 -2.08 16.68
C PHE A 63 -19.85 -3.30 17.21
N MET A 64 -18.56 -3.39 16.91
CA MET A 64 -17.76 -4.51 17.41
C MET A 64 -17.67 -4.48 18.93
N CYS A 65 -17.65 -3.28 19.52
CA CYS A 65 -17.66 -3.16 20.97
C CYS A 65 -19.01 -3.61 21.52
N VAL A 66 -20.08 -3.24 20.82
CA VAL A 66 -21.42 -3.67 21.16
C VAL A 66 -21.52 -5.19 21.11
N ARG A 67 -20.94 -5.79 20.06
CA ARG A 67 -20.93 -7.24 19.91
C ARG A 67 -20.35 -7.96 21.11
N HIS A 68 -19.29 -7.41 21.70
CA HIS A 68 -18.66 -8.08 22.83
C HIS A 68 -19.47 -7.97 24.11
N ALA A 69 -20.10 -6.82 24.30
CA ALA A 69 -20.95 -6.59 25.47
C ALA A 69 -22.20 -7.46 25.38
N ASP A 70 -22.70 -7.64 24.17
CA ASP A 70 -23.83 -8.53 23.92
C ASP A 70 -23.39 -9.97 24.16
N TYR A 71 -22.13 -10.25 23.85
CA TYR A 71 -21.56 -11.58 24.06
C TYR A 71 -21.40 -11.87 25.54
N LEU A 72 -21.10 -10.85 26.32
CA LEU A 72 -20.91 -11.00 27.77
C LEU A 72 -22.24 -11.04 28.49
N ASN A 73 -23.33 -10.85 27.74
CA ASN A 73 -24.67 -10.80 28.30
C ASN A 73 -24.79 -9.73 29.38
N ASP A 74 -24.04 -8.66 29.20
CA ASP A 74 -23.98 -7.56 30.15
C ASP A 74 -24.92 -6.45 29.66
N ASP A 75 -26.15 -6.45 30.15
CA ASP A 75 -27.15 -5.49 29.70
C ASP A 75 -26.79 -4.05 30.09
N GLN A 76 -26.17 -3.89 31.24
CA GLN A 76 -25.80 -2.55 31.70
C GLN A 76 -24.68 -1.95 30.86
N LYS A 77 -23.73 -2.77 30.44
CA LYS A 77 -22.63 -2.31 29.62
C LYS A 77 -23.11 -1.92 28.23
N VAL A 78 -23.99 -2.74 27.65
CA VAL A 78 -24.57 -2.45 26.34
C VAL A 78 -25.32 -1.13 26.37
N ARG A 79 -26.19 -1.00 27.37
CA ARG A 79 -27.01 0.19 27.55
C ARG A 79 -26.13 1.43 27.72
N SER A 80 -25.08 1.30 28.52
CA SER A 80 -24.20 2.43 28.81
C SER A 80 -23.46 2.90 27.56
N LEU A 81 -22.93 1.95 26.81
CA LEU A 81 -22.17 2.27 25.61
C LEU A 81 -23.07 2.90 24.55
N LEU A 82 -24.25 2.33 24.38
CA LEU A 82 -25.20 2.83 23.38
C LEU A 82 -25.73 4.22 23.74
N THR A 83 -25.77 4.51 25.04
CA THR A 83 -26.21 5.80 25.54
C THR A 83 -25.11 6.84 25.38
N SER A 84 -23.88 6.46 25.71
CA SER A 84 -22.73 7.32 25.55
C SER A 84 -22.51 7.66 24.08
N THR A 85 -22.83 6.73 23.20
CA THR A 85 -22.60 6.94 21.78
C THR A 85 -23.46 8.09 21.26
N ILE A 86 -24.77 8.00 21.47
CA ILE A 86 -25.68 9.05 21.04
C ILE A 86 -25.40 10.40 21.68
N ASN A 87 -25.24 10.42 23.00
CA ASN A 87 -24.87 11.64 23.71
C ASN A 87 -23.57 12.29 23.21
N SER A 88 -22.60 11.46 22.84
CA SER A 88 -21.31 11.96 22.38
C SER A 88 -21.43 12.60 20.99
N ILE A 89 -22.13 11.90 20.10
CA ILE A 89 -22.38 12.41 18.76
C ILE A 89 -23.13 13.75 18.82
N LYS A 90 -24.11 13.83 19.71
CA LYS A 90 -24.85 15.07 19.91
C LYS A 90 -23.92 16.18 20.43
N LYS A 91 -23.02 15.81 21.32
CA LYS A 91 -22.07 16.74 21.92
C LYS A 91 -21.16 17.33 20.83
N VAL A 92 -20.67 16.47 19.94
CA VAL A 92 -19.83 16.89 18.82
C VAL A 92 -20.55 17.84 17.88
N LEU A 93 -21.79 17.51 17.54
CA LEU A 93 -22.57 18.33 16.62
C LEU A 93 -23.03 19.64 17.27
N LYS A 94 -23.06 19.69 18.59
CA LYS A 94 -23.37 20.94 19.28
C LYS A 94 -22.17 21.88 19.13
N LYS A 95 -20.98 21.34 19.39
CA LYS A 95 -19.76 22.14 19.44
C LYS A 95 -19.24 22.53 18.05
N ARG A 96 -19.32 21.61 17.11
CA ARG A 96 -18.77 21.82 15.78
C ARG A 96 -19.83 21.65 14.70
N GLY A 97 -21.07 22.00 15.02
CA GLY A 97 -22.16 21.83 14.09
C GLY A 97 -22.25 22.83 12.96
N ASP A 98 -21.31 23.77 12.90
CA ASP A 98 -21.27 24.72 11.80
C ASP A 98 -20.38 24.19 10.68
N ASP A 99 -19.56 23.20 11.00
CA ASP A 99 -18.59 22.65 10.07
C ASP A 99 -19.18 21.52 9.22
N PHE A 100 -19.23 21.73 7.92
CA PHE A 100 -19.80 20.76 7.00
C PHE A 100 -19.14 19.36 7.08
N GLU A 101 -17.81 19.33 7.17
CA GLU A 101 -17.09 18.06 7.24
C GLU A 101 -17.52 17.22 8.44
N THR A 102 -17.55 17.86 9.61
CA THR A 102 -17.93 17.20 10.85
C THR A 102 -19.35 16.64 10.78
N VAL A 103 -20.29 17.45 10.28
CA VAL A 103 -21.68 17.01 10.17
C VAL A 103 -21.83 15.86 9.16
N SER A 104 -21.15 15.97 8.03
CA SER A 104 -21.15 14.91 7.03
C SER A 104 -20.58 13.61 7.59
N PHE A 105 -19.52 13.74 8.37
CA PHE A 105 -18.81 12.59 8.90
C PHE A 105 -19.72 11.81 9.83
N TRP A 106 -20.42 12.54 10.69
CA TRP A 106 -21.26 11.88 11.68
C TRP A 106 -22.63 11.44 11.16
N LEU A 107 -23.10 12.08 10.10
CA LEU A 107 -24.29 11.58 9.41
C LEU A 107 -23.94 10.23 8.79
N SER A 108 -22.79 10.18 8.13
CA SER A 108 -22.35 8.96 7.45
C SER A 108 -22.10 7.81 8.45
N ASN A 109 -21.41 8.11 9.54
CA ASN A 109 -21.14 7.09 10.54
C ASN A 109 -22.32 6.67 11.39
N THR A 110 -23.26 7.58 11.64
CA THR A 110 -24.50 7.23 12.30
C THR A 110 -25.29 6.25 11.45
N CYS A 111 -25.35 6.49 10.13
CA CYS A 111 -25.99 5.57 9.20
C CYS A 111 -25.33 4.19 9.15
N ARG A 112 -24.00 4.16 9.05
CA ARG A 112 -23.28 2.90 9.01
C ARG A 112 -23.54 2.10 10.28
N PHE A 113 -23.51 2.78 11.42
CA PHE A 113 -23.79 2.18 12.71
C PHE A 113 -25.20 1.58 12.72
N LEU A 114 -26.15 2.33 12.15
CA LEU A 114 -27.52 1.85 12.03
C LEU A 114 -27.57 0.64 11.10
N HIS A 115 -26.90 0.75 9.95
CA HIS A 115 -26.81 -0.36 9.01
C HIS A 115 -26.24 -1.62 9.67
N CYS A 116 -25.24 -1.44 10.53
CA CYS A 116 -24.64 -2.57 11.22
C CYS A 116 -25.61 -3.23 12.18
N LEU A 117 -26.32 -2.40 12.96
CA LEU A 117 -27.30 -2.92 13.91
C LEU A 117 -28.42 -3.68 13.20
N LYS A 118 -28.71 -3.31 11.95
CA LYS A 118 -29.69 -4.07 11.19
C LYS A 118 -29.08 -5.33 10.60
N GLN A 119 -27.93 -5.16 9.95
CA GLN A 119 -27.27 -6.26 9.25
C GLN A 119 -26.93 -7.41 10.20
N TYR A 120 -26.59 -7.10 11.43
CA TYR A 120 -26.23 -8.12 12.41
C TYR A 120 -27.24 -8.27 13.56
N SER A 121 -28.49 -7.92 13.31
CA SER A 121 -29.53 -8.01 14.33
C SER A 121 -29.99 -9.45 14.56
N GLY A 122 -29.81 -10.30 13.56
CA GLY A 122 -30.34 -11.65 13.60
C GLY A 122 -31.75 -11.71 13.03
N GLU A 123 -32.29 -10.56 12.64
CA GLU A 123 -33.57 -10.54 11.93
C GLU A 123 -33.31 -10.92 10.48
N GLU A 124 -34.01 -11.93 10.00
CA GLU A 124 -33.78 -12.49 8.67
C GLU A 124 -33.99 -11.50 7.52
N GLY A 125 -34.93 -10.57 7.69
CA GLY A 125 -35.19 -9.56 6.68
C GLY A 125 -34.00 -8.65 6.41
N PHE A 126 -33.05 -8.62 7.34
CA PHE A 126 -31.85 -7.82 7.18
C PHE A 126 -30.64 -8.68 6.82
N MET A 127 -30.86 -9.98 6.65
CA MET A 127 -29.74 -10.91 6.44
C MET A 127 -29.57 -11.38 5.00
N LYS A 128 -30.44 -10.91 4.11
CA LYS A 128 -30.49 -11.41 2.73
C LYS A 128 -29.17 -11.32 1.95
N HIS A 129 -28.41 -10.24 2.14
CA HIS A 129 -27.16 -10.04 1.41
C HIS A 129 -25.93 -10.38 2.24
N ASN A 130 -26.13 -11.11 3.34
CA ASN A 130 -25.02 -11.48 4.18
C ASN A 130 -24.27 -12.71 3.69
N THR A 131 -22.96 -12.73 3.90
CA THR A 131 -22.20 -13.96 3.75
C THR A 131 -22.47 -14.79 4.99
N SER A 132 -22.12 -16.08 4.94
CA SER A 132 -22.35 -16.98 6.06
C SER A 132 -21.56 -16.55 7.27
N ARG A 133 -20.34 -16.07 7.04
CA ARG A 133 -19.50 -15.58 8.12
C ARG A 133 -20.16 -14.37 8.79
N GLN A 134 -20.74 -13.49 7.98
CA GLN A 134 -21.45 -12.33 8.54
C GLN A 134 -22.64 -12.76 9.37
N ASN A 135 -23.40 -13.74 8.89
CA ASN A 135 -24.54 -14.27 9.64
C ASN A 135 -24.16 -14.78 11.03
N GLU A 136 -22.93 -15.28 11.16
CA GLU A 136 -22.45 -15.79 12.43
C GLU A 136 -22.03 -14.69 13.41
N HIS A 137 -22.03 -13.44 12.95
CA HIS A 137 -21.61 -12.32 13.79
C HIS A 137 -22.79 -11.53 14.33
N CYS A 138 -23.98 -12.12 14.24
CA CYS A 138 -25.19 -11.46 14.71
C CYS A 138 -25.20 -11.39 16.23
N LEU A 139 -25.95 -10.44 16.77
CA LEU A 139 -26.12 -10.35 18.21
C LEU A 139 -26.92 -11.55 18.68
N THR A 140 -26.68 -11.99 19.92
CA THR A 140 -27.30 -13.23 20.39
C THR A 140 -28.09 -13.08 21.69
N ASN A 141 -27.94 -11.97 22.39
CA ASN A 141 -28.65 -11.80 23.66
C ASN A 141 -29.67 -10.65 23.67
N PHE A 142 -29.36 -9.58 22.95
CA PHE A 142 -30.18 -8.37 23.05
C PHE A 142 -30.79 -7.94 21.73
N ASP A 143 -32.08 -7.61 21.78
CA ASP A 143 -32.79 -7.04 20.65
C ASP A 143 -32.74 -5.51 20.80
N LEU A 144 -32.10 -4.84 19.84
CA LEU A 144 -31.86 -3.40 19.94
C LEU A 144 -32.77 -2.55 19.06
N ALA A 145 -33.92 -3.12 18.68
CA ALA A 145 -34.88 -2.45 17.79
C ALA A 145 -35.33 -1.07 18.25
N GLU A 146 -35.47 -0.87 19.56
CA GLU A 146 -35.87 0.44 20.08
C GLU A 146 -34.70 1.41 19.99
N TYR A 147 -33.49 0.91 20.15
CA TYR A 147 -32.30 1.74 19.97
C TYR A 147 -32.16 2.16 18.51
N ARG A 148 -32.48 1.24 17.59
CA ARG A 148 -32.35 1.56 16.17
C ARG A 148 -33.30 2.68 15.80
N GLN A 149 -34.45 2.70 16.47
CA GLN A 149 -35.45 3.75 16.27
C GLN A 149 -34.90 5.11 16.69
N VAL A 150 -34.31 5.17 17.88
CA VAL A 150 -33.71 6.40 18.38
C VAL A 150 -32.54 6.83 17.48
N LEU A 151 -31.73 5.86 17.07
CA LEU A 151 -30.55 6.15 16.26
C LEU A 151 -30.99 6.70 14.91
N SER A 152 -32.05 6.14 14.36
CA SER A 152 -32.62 6.62 13.11
C SER A 152 -33.14 8.05 13.25
N ASP A 153 -33.76 8.37 14.38
CA ASP A 153 -34.23 9.75 14.61
C ASP A 153 -33.04 10.68 14.72
N LEU A 154 -31.94 10.20 15.29
CA LEU A 154 -30.74 11.02 15.38
C LEU A 154 -30.22 11.34 13.97
N ALA A 155 -30.18 10.33 13.12
CA ALA A 155 -29.72 10.52 11.74
C ALA A 155 -30.56 11.56 10.99
N ILE A 156 -31.88 11.51 11.18
CA ILE A 156 -32.76 12.50 10.56
C ILE A 156 -32.42 13.90 11.05
N GLN A 157 -32.24 14.01 12.36
CA GLN A 157 -31.81 15.26 12.97
C GLN A 157 -30.49 15.75 12.37
N ILE A 158 -29.48 14.87 12.32
CA ILE A 158 -28.18 15.24 11.75
C ILE A 158 -28.33 15.71 10.30
N TYR A 159 -29.19 15.04 9.55
CA TYR A 159 -29.42 15.42 8.16
C TYR A 159 -30.01 16.83 8.01
N GLN A 160 -30.95 17.21 8.89
CA GLN A 160 -31.52 18.56 8.83
C GLN A 160 -30.39 19.57 9.03
N GLN A 161 -29.52 19.26 9.99
CA GLN A 161 -28.39 20.13 10.29
C GLN A 161 -27.41 20.18 9.12
N LEU A 162 -27.27 19.08 8.41
CA LEU A 162 -26.43 19.06 7.21
C LEU A 162 -26.98 20.00 6.15
N VAL A 163 -28.28 19.93 5.91
CA VAL A 163 -28.94 20.78 4.92
C VAL A 163 -28.79 22.25 5.33
N ARG A 164 -28.88 22.52 6.62
CA ARG A 164 -28.74 23.86 7.17
CA ARG A 164 -28.74 23.87 7.14
C ARG A 164 -27.34 24.43 6.85
N VAL A 165 -26.31 23.71 7.26
CA VAL A 165 -24.93 24.16 7.04
C VAL A 165 -24.66 24.35 5.55
N LEU A 166 -25.07 23.36 4.78
CA LEU A 166 -25.04 23.37 3.32
C LEU A 166 -25.67 24.63 2.74
N GLU A 167 -26.92 24.87 3.12
CA GLU A 167 -27.67 26.00 2.60
C GLU A 167 -27.01 27.35 2.92
N ASN A 168 -26.49 27.48 4.13
CA ASN A 168 -25.83 28.72 4.55
C ASN A 168 -24.60 29.05 3.70
N ILE A 169 -23.91 28.01 3.25
CA ILE A 169 -22.75 28.18 2.38
C ILE A 169 -23.16 28.56 0.95
N LEU A 170 -24.11 27.82 0.39
CA LEU A 170 -24.55 28.05 -0.99
C LEU A 170 -25.26 29.39 -1.18
N GLN A 171 -26.16 29.70 -0.25
CA GLN A 171 -27.08 30.85 -0.38
C GLN A 171 -26.48 32.16 -0.90
N PRO A 172 -25.33 32.61 -0.35
CA PRO A 172 -24.82 33.90 -0.85
C PRO A 172 -24.22 33.84 -2.27
N MET A 173 -24.17 32.66 -2.87
CA MET A 173 -23.53 32.49 -4.17
C MET A 173 -24.52 32.35 -5.30
N ILE A 174 -25.77 32.03 -4.97
CA ILE A 174 -26.74 31.65 -5.97
C ILE A 174 -27.15 32.79 -6.90
N VAL A 175 -27.69 33.87 -6.34
CA VAL A 175 -28.09 35.04 -7.11
C VAL A 175 -26.94 35.60 -7.94
N SER A 176 -25.78 35.76 -7.31
CA SER A 176 -24.60 36.31 -7.98
C SER A 176 -24.14 35.44 -9.16
N GLY A 177 -24.10 34.13 -8.95
CA GLY A 177 -23.56 33.22 -9.94
C GLY A 177 -24.53 32.70 -10.98
N MET A 178 -25.82 32.76 -10.69
CA MET A 178 -26.84 32.30 -11.64
C MET A 178 -27.53 33.44 -12.39
N LEU A 179 -27.52 34.65 -11.81
CA LEU A 179 -28.28 35.77 -12.39
C LEU A 179 -27.45 37.02 -12.69
N GLU A 180 -26.72 37.52 -11.71
CA GLU A 180 -26.00 38.79 -11.86
C GLU A 180 -24.72 38.66 -12.69
N HIS A 181 -24.10 37.49 -12.69
CA HIS A 181 -22.89 37.28 -13.47
C HIS A 181 -23.19 37.33 -14.97
N GLU A 182 -22.14 37.42 -15.79
CA GLU A 182 -22.29 37.83 -17.18
C GLU A 182 -22.14 36.73 -18.24
N THR A 183 -20.93 36.21 -18.40
CA THR A 183 -20.62 35.29 -19.51
C THR A 183 -21.12 33.87 -19.25
N THR A 207 -18.60 38.82 -7.93
CA THR A 207 -17.75 38.02 -7.05
C THR A 207 -17.96 36.52 -7.30
N TYR A 208 -19.04 35.97 -6.75
CA TYR A 208 -19.39 34.56 -6.97
C TYR A 208 -19.90 34.36 -8.39
N THR A 209 -19.37 33.35 -9.08
CA THR A 209 -19.76 33.05 -10.45
C THR A 209 -20.42 31.68 -10.47
N LEU A 210 -20.86 31.26 -11.65
CA LEU A 210 -21.41 29.91 -11.81
C LEU A 210 -20.36 28.87 -11.45
N ASP A 211 -19.10 29.17 -11.78
CA ASP A 211 -18.00 28.28 -11.47
C ASP A 211 -17.76 28.17 -9.97
N SER A 212 -18.04 29.24 -9.24
CA SER A 212 -17.93 29.22 -7.78
C SER A 212 -18.90 28.18 -7.23
N ILE A 213 -20.08 28.11 -7.84
CA ILE A 213 -21.13 27.18 -7.40
C ILE A 213 -20.75 25.73 -7.71
N LEU A 214 -20.25 25.49 -8.91
CA LEU A 214 -19.82 24.15 -9.30
C LEU A 214 -18.66 23.67 -8.43
N ARG A 215 -17.74 24.59 -8.13
CA ARG A 215 -16.62 24.31 -7.25
C ARG A 215 -17.14 23.91 -5.88
N GLN A 216 -18.17 24.61 -5.42
CA GLN A 216 -18.75 24.33 -4.12
C GLN A 216 -19.47 22.99 -4.10
N LEU A 217 -20.15 22.67 -5.19
CA LEU A 217 -20.84 21.37 -5.30
C LEU A 217 -19.84 20.22 -5.35
N ASN A 218 -18.72 20.43 -6.03
CA ASN A 218 -17.68 19.43 -6.09
C ASN A 218 -17.14 19.14 -4.70
N SER A 219 -16.80 20.20 -3.98
CA SER A 219 -16.32 20.06 -2.62
C SER A 219 -17.32 19.30 -1.74
N PHE A 220 -18.60 19.66 -1.82
CA PHE A 220 -19.66 18.93 -1.10
C PHE A 220 -19.71 17.45 -1.45
N HIS A 221 -19.73 17.14 -2.74
CA HIS A 221 -19.86 15.76 -3.22
C HIS A 221 -18.61 14.94 -2.88
N SER A 222 -17.46 15.61 -2.86
CA SER A 222 -16.19 14.95 -2.60
C SER A 222 -16.07 14.54 -1.13
N VAL A 223 -16.48 15.44 -0.24
CA VAL A 223 -16.45 15.19 1.19
C VAL A 223 -17.41 14.06 1.59
N MET A 224 -18.61 14.06 1.03
CA MET A 224 -19.57 13.00 1.32
C MET A 224 -19.08 11.66 0.81
N SER A 225 -18.45 11.67 -0.37
CA SER A 225 -17.90 10.45 -0.94
C SER A 225 -16.77 9.91 -0.08
N GLN A 226 -15.83 10.78 0.29
CA GLN A 226 -14.71 10.38 1.14
C GLN A 226 -15.16 9.85 2.50
N HIS A 227 -16.35 10.25 2.93
CA HIS A 227 -16.91 9.78 4.19
C HIS A 227 -17.65 8.46 4.01
N GLY A 228 -17.74 7.98 2.77
CA GLY A 228 -18.43 6.74 2.50
C GLY A 228 -19.91 6.79 2.78
N MET A 229 -20.49 7.98 2.63
CA MET A 229 -21.92 8.19 2.82
C MET A 229 -22.71 7.36 1.80
N ASP A 230 -23.82 6.77 2.24
CA ASP A 230 -24.68 5.99 1.34
C ASP A 230 -24.97 6.76 0.06
N PRO A 231 -24.75 6.12 -1.10
CA PRO A 231 -25.03 6.74 -2.39
C PRO A 231 -26.47 7.23 -2.53
N GLU A 232 -27.42 6.54 -1.90
CA GLU A 232 -28.82 6.97 -1.94
C GLU A 232 -29.01 8.24 -1.12
N LEU A 233 -28.17 8.42 -0.12
CA LEU A 233 -28.21 9.61 0.70
C LEU A 233 -27.57 10.77 -0.04
N ILE A 234 -26.44 10.51 -0.70
CA ILE A 234 -25.77 11.53 -1.50
C ILE A 234 -26.72 12.08 -2.56
N LYS A 235 -27.44 11.18 -3.22
CA LYS A 235 -28.45 11.55 -4.21
C LYS A 235 -29.48 12.53 -3.65
N GLN A 236 -29.93 12.30 -2.41
CA GLN A 236 -30.91 13.19 -1.77
C GLN A 236 -30.31 14.54 -1.38
N VAL A 237 -29.07 14.53 -0.90
CA VAL A 237 -28.40 15.78 -0.54
C VAL A 237 -28.23 16.66 -1.79
N VAL A 238 -27.93 16.02 -2.91
CA VAL A 238 -27.73 16.74 -4.16
C VAL A 238 -29.03 17.30 -4.71
N LYS A 239 -30.09 16.51 -4.64
CA LYS A 239 -31.43 16.97 -4.99
C LYS A 239 -31.79 18.20 -4.15
N GLN A 240 -31.50 18.13 -2.86
CA GLN A 240 -31.81 19.23 -1.94
C GLN A 240 -31.02 20.49 -2.27
N MET A 241 -29.77 20.34 -2.72
CA MET A 241 -28.94 21.47 -3.11
C MET A 241 -29.45 22.13 -4.38
N PHE A 242 -29.89 21.30 -5.33
CA PHE A 242 -30.38 21.82 -6.59
C PHE A 242 -31.69 22.56 -6.40
N TYR A 243 -32.53 22.05 -5.49
CA TYR A 243 -33.78 22.72 -5.18
C TYR A 243 -33.50 24.13 -4.67
N ILE A 244 -32.58 24.23 -3.72
CA ILE A 244 -32.16 25.51 -3.17
C ILE A 244 -31.68 26.48 -4.25
N VAL A 245 -30.81 26.00 -5.14
CA VAL A 245 -30.33 26.83 -6.25
C VAL A 245 -31.49 27.32 -7.13
N GLY A 246 -32.38 26.39 -7.48
CA GLY A 246 -33.49 26.71 -8.37
C GLY A 246 -34.53 27.62 -7.74
N ALA A 247 -34.76 27.46 -6.45
CA ALA A 247 -35.78 28.24 -5.75
C ALA A 247 -35.33 29.67 -5.49
N ILE A 248 -34.08 29.82 -5.08
CA ILE A 248 -33.53 31.14 -4.81
C ILE A 248 -33.40 31.93 -6.11
N THR A 249 -32.98 31.26 -7.18
CA THR A 249 -32.82 31.90 -8.47
C THR A 249 -34.15 32.36 -9.04
N LEU A 250 -35.15 31.49 -9.00
CA LEU A 250 -36.47 31.79 -9.54
C LEU A 250 -37.13 32.93 -8.78
N ASN A 251 -37.01 32.90 -7.45
CA ASN A 251 -37.57 33.93 -6.59
C ASN A 251 -37.02 35.30 -6.94
N ASN A 252 -35.75 35.34 -7.29
CA ASN A 252 -35.08 36.60 -7.61
C ASN A 252 -35.53 37.11 -8.97
N LEU A 253 -35.79 36.19 -9.90
CA LEU A 253 -36.35 36.55 -11.20
C LEU A 253 -37.65 37.30 -10.96
N LEU A 254 -38.48 36.73 -10.09
CA LEU A 254 -39.82 37.22 -9.84
C LEU A 254 -39.87 38.51 -9.03
N LEU A 255 -38.84 38.78 -8.23
CA LEU A 255 -38.83 39.94 -7.34
C LEU A 255 -38.11 41.16 -7.90
N ARG A 256 -37.20 40.94 -8.85
CA ARG A 256 -36.49 42.02 -9.50
C ARG A 256 -37.22 42.41 -10.77
N LYS A 257 -36.83 43.55 -11.35
CA LYS A 257 -37.42 43.97 -12.61
C LYS A 257 -36.44 43.78 -13.77
N ASP A 258 -35.16 43.75 -13.42
CA ASP A 258 -34.09 43.75 -14.43
C ASP A 258 -33.59 42.36 -14.79
N MET A 259 -34.37 41.32 -14.50
CA MET A 259 -33.94 39.96 -14.78
C MET A 259 -34.79 39.25 -15.82
N CYS A 260 -35.92 39.85 -16.19
CA CYS A 260 -36.80 39.24 -17.18
C CYS A 260 -36.58 39.82 -18.57
N SER A 261 -35.45 39.46 -19.18
CA SER A 261 -35.15 39.85 -20.55
C SER A 261 -34.75 38.59 -21.31
N TRP A 262 -34.76 38.68 -22.64
CA TRP A 262 -34.37 37.55 -23.48
C TRP A 262 -32.93 37.16 -23.21
N SER A 263 -32.11 38.18 -22.97
CA SER A 263 -30.70 37.98 -22.67
C SER A 263 -30.51 37.13 -21.41
N LYS A 264 -31.37 37.32 -20.42
CA LYS A 264 -31.28 36.59 -19.17
C LYS A 264 -31.76 35.15 -19.28
N GLY A 265 -32.85 34.95 -20.02
CA GLY A 265 -33.36 33.62 -20.27
C GLY A 265 -32.31 32.77 -20.95
N MET A 266 -31.55 33.41 -21.84
CA MET A 266 -30.44 32.78 -22.53
C MET A 266 -29.38 32.30 -21.53
N GLN A 267 -28.98 33.22 -20.65
CA GLN A 267 -27.93 32.96 -19.69
C GLN A 267 -28.33 31.91 -18.66
N ILE A 268 -29.58 32.01 -18.19
CA ILE A 268 -30.11 31.08 -17.21
C ILE A 268 -30.14 29.66 -17.78
N ARG A 269 -30.54 29.54 -19.04
CA ARG A 269 -30.55 28.24 -19.71
C ARG A 269 -29.14 27.68 -19.85
N TYR A 270 -28.16 28.55 -20.06
CA TYR A 270 -26.78 28.10 -20.12
C TYR A 270 -26.31 27.58 -18.77
N ASN A 271 -26.53 28.38 -17.72
CA ASN A 271 -26.09 28.01 -16.38
C ASN A 271 -26.66 26.67 -15.93
N VAL A 272 -27.95 26.46 -16.16
CA VAL A 272 -28.60 25.19 -15.84
C VAL A 272 -28.00 24.02 -16.60
N SER A 273 -27.69 24.23 -17.89
CA SER A 273 -27.10 23.17 -18.70
C SER A 273 -25.73 22.76 -18.18
N GLN A 274 -25.08 23.66 -17.43
CA GLN A 274 -23.82 23.33 -16.77
C GLN A 274 -24.09 22.50 -15.51
N LEU A 275 -25.13 22.88 -14.78
CA LEU A 275 -25.56 22.14 -13.61
C LEU A 275 -26.00 20.73 -13.98
N GLU A 276 -26.70 20.62 -15.12
CA GLU A 276 -27.13 19.32 -15.62
C GLU A 276 -25.93 18.48 -16.04
N GLU A 277 -24.94 19.15 -16.60
CA GLU A 277 -23.71 18.48 -17.02
C GLU A 277 -22.99 17.92 -15.80
N TRP A 278 -23.03 18.68 -14.71
CA TRP A 278 -22.37 18.29 -13.48
C TRP A 278 -23.01 17.01 -12.93
N LEU A 279 -24.34 16.93 -13.00
CA LEU A 279 -25.07 15.73 -12.60
C LEU A 279 -24.70 14.53 -13.48
N ARG A 280 -24.61 14.78 -14.78
CA ARG A 280 -24.28 13.74 -15.74
C ARG A 280 -22.88 13.17 -15.51
N ASP A 281 -21.91 14.05 -15.25
CA ASP A 281 -20.54 13.61 -15.02
C ASP A 281 -20.42 12.79 -13.75
N LYS A 282 -21.26 13.08 -12.76
CA LYS A 282 -21.17 12.39 -11.48
C LYS A 282 -22.24 11.31 -11.33
N ASN A 283 -22.90 10.98 -12.43
CA ASN A 283 -23.92 9.93 -12.45
C ASN A 283 -25.09 10.17 -11.50
N LEU A 284 -25.61 11.39 -11.48
CA LEU A 284 -26.69 11.73 -10.58
C LEU A 284 -27.97 12.12 -11.32
N MET A 285 -28.19 11.50 -12.48
CA MET A 285 -29.32 11.85 -13.34
C MET A 285 -30.63 11.18 -12.90
N ASN A 286 -30.56 10.29 -11.93
CA ASN A 286 -31.74 9.68 -11.35
C ASN A 286 -31.99 10.19 -9.93
N SER A 287 -31.22 11.19 -9.52
CA SER A 287 -31.29 11.70 -8.16
C SER A 287 -32.51 12.60 -7.96
N GLY A 288 -33.13 13.00 -9.05
CA GLY A 288 -34.27 13.90 -9.00
C GLY A 288 -33.86 15.35 -8.90
N ALA A 289 -32.55 15.59 -8.88
CA ALA A 289 -32.03 16.94 -8.75
C ALA A 289 -32.41 17.80 -9.95
N LYS A 290 -32.33 17.20 -11.14
CA LYS A 290 -32.64 17.90 -12.37
C LYS A 290 -34.09 18.38 -12.40
N GLU A 291 -35.00 17.56 -11.90
CA GLU A 291 -36.42 17.89 -11.91
C GLU A 291 -36.74 19.10 -11.05
N THR A 292 -35.97 19.32 -9.99
CA THR A 292 -36.19 20.48 -9.12
C THR A 292 -35.95 21.82 -9.83
N LEU A 293 -35.21 21.77 -10.94
CA LEU A 293 -34.88 22.98 -11.70
C LEU A 293 -35.92 23.29 -12.77
N GLU A 294 -36.89 22.38 -12.95
CA GLU A 294 -37.90 22.52 -14.00
C GLU A 294 -38.71 23.84 -13.99
N PRO A 295 -39.12 24.34 -12.80
CA PRO A 295 -39.78 25.65 -12.83
C PRO A 295 -38.83 26.76 -13.30
N LEU A 296 -37.56 26.70 -12.88
CA LEU A 296 -36.58 27.67 -13.33
C LEU A 296 -36.30 27.54 -14.82
N ILE A 297 -36.25 26.30 -15.31
CA ILE A 297 -36.03 26.05 -16.73
C ILE A 297 -37.19 26.57 -17.57
N GLN A 298 -38.41 26.30 -17.13
CA GLN A 298 -39.59 26.75 -17.87
C GLN A 298 -39.73 28.27 -17.85
N ALA A 299 -39.19 28.91 -16.84
CA ALA A 299 -39.22 30.37 -16.76
C ALA A 299 -38.21 30.97 -17.74
N ALA A 300 -37.04 30.35 -17.85
CA ALA A 300 -36.03 30.80 -18.79
C ALA A 300 -36.50 30.64 -20.23
N GLN A 301 -37.22 29.55 -20.49
CA GLN A 301 -37.76 29.30 -21.82
C GLN A 301 -38.81 30.34 -22.17
N LEU A 302 -39.56 30.75 -21.16
CA LEU A 302 -40.60 31.76 -21.34
C LEU A 302 -39.98 33.09 -21.78
N LEU A 303 -38.81 33.41 -21.24
CA LEU A 303 -38.10 34.62 -21.62
C LEU A 303 -37.60 34.59 -23.07
N GLN A 304 -37.45 33.40 -23.63
CA GLN A 304 -36.83 33.26 -24.95
C GLN A 304 -37.81 33.07 -26.10
N VAL A 305 -38.98 32.53 -25.80
CA VAL A 305 -39.96 32.22 -26.84
C VAL A 305 -40.69 33.45 -27.35
N LYS A 306 -41.27 33.35 -28.54
CA LYS A 306 -42.06 34.45 -29.09
C LYS A 306 -43.33 34.66 -28.27
N LYS A 307 -43.69 35.92 -28.10
CA LYS A 307 -44.83 36.29 -27.26
C LYS A 307 -45.75 37.24 -28.01
N LYS A 308 -46.22 36.84 -29.19
CA LYS A 308 -47.04 37.71 -30.03
C LYS A 308 -48.40 37.12 -30.39
N THR A 309 -48.39 36.00 -31.11
CA THR A 309 -49.61 35.45 -31.69
C THR A 309 -50.41 34.60 -30.72
N ASP A 310 -51.65 34.28 -31.10
CA ASP A 310 -52.52 33.44 -30.27
C ASP A 310 -52.00 32.02 -30.22
N ASP A 311 -51.29 31.62 -31.27
CA ASP A 311 -50.66 30.31 -31.28
C ASP A 311 -49.50 30.28 -30.30
N ASP A 312 -48.75 31.37 -30.24
CA ASP A 312 -47.62 31.50 -29.32
C ASP A 312 -48.10 31.35 -27.88
N ALA A 313 -49.29 31.87 -27.59
CA ALA A 313 -49.85 31.84 -26.25
C ALA A 313 -50.33 30.43 -25.89
N GLU A 314 -50.72 29.68 -26.91
CA GLU A 314 -51.14 28.29 -26.71
C GLU A 314 -49.96 27.41 -26.32
N ALA A 315 -48.82 27.66 -26.95
CA ALA A 315 -47.59 26.92 -26.64
C ALA A 315 -47.14 27.20 -25.22
N ILE A 316 -47.25 28.46 -24.81
CA ILE A 316 -46.89 28.86 -23.44
C ILE A 316 -47.74 28.12 -22.41
N CYS A 317 -49.03 28.03 -22.66
CA CYS A 317 -49.95 27.42 -21.70
C CYS A 317 -49.82 25.90 -21.59
N SER A 318 -48.87 25.33 -22.31
CA SER A 318 -48.64 23.89 -22.27
C SER A 318 -47.18 23.58 -21.95
N MET A 319 -46.28 24.52 -22.27
CA MET A 319 -44.88 24.39 -21.89
C MET A 319 -44.71 24.63 -20.39
N CYS A 320 -45.37 25.66 -19.88
CA CYS A 320 -45.18 26.09 -18.50
C CYS A 320 -46.07 25.36 -17.50
N ASN A 321 -46.06 24.04 -17.55
CA ASN A 321 -46.89 23.24 -16.65
C ASN A 321 -46.32 23.10 -15.24
N ALA A 322 -45.21 23.78 -14.97
CA ALA A 322 -44.57 23.67 -13.66
C ALA A 322 -44.55 25.01 -12.95
N LEU A 323 -44.91 26.06 -13.67
CA LEU A 323 -45.08 27.39 -13.09
C LEU A 323 -46.56 27.66 -12.88
N THR A 324 -46.90 28.29 -11.76
CA THR A 324 -48.30 28.69 -11.51
C THR A 324 -48.69 29.80 -12.45
N THR A 325 -49.99 30.04 -12.58
CA THR A 325 -50.50 31.14 -13.38
C THR A 325 -49.88 32.47 -12.96
N ALA A 326 -49.84 32.70 -11.65
CA ALA A 326 -49.25 33.92 -11.11
C ALA A 326 -47.81 34.11 -11.58
N GLN A 327 -47.02 33.05 -11.50
CA GLN A 327 -45.62 33.08 -11.89
C GLN A 327 -45.46 33.37 -13.38
N ILE A 328 -46.24 32.66 -14.20
CA ILE A 328 -46.22 32.87 -15.64
C ILE A 328 -46.58 34.30 -16.01
N VAL A 329 -47.70 34.77 -15.46
CA VAL A 329 -48.21 36.11 -15.78
C VAL A 329 -47.25 37.19 -15.30
N LYS A 330 -46.70 36.99 -14.11
CA LYS A 330 -45.72 37.92 -13.57
C LYS A 330 -44.49 38.09 -14.47
N VAL A 331 -43.99 36.97 -14.99
CA VAL A 331 -42.82 37.01 -15.88
C VAL A 331 -43.10 37.84 -17.13
N LEU A 332 -44.23 37.57 -17.78
CA LEU A 332 -44.65 38.34 -18.94
C LEU A 332 -44.71 39.84 -18.65
N ASN A 333 -45.23 40.19 -17.48
CA ASN A 333 -45.32 41.59 -17.07
C ASN A 333 -43.97 42.27 -16.91
N LEU A 334 -43.05 41.59 -16.25
CA LEU A 334 -41.71 42.13 -16.00
C LEU A 334 -40.86 42.19 -17.27
N TYR A 335 -41.33 41.53 -18.32
CA TYR A 335 -40.50 41.34 -19.51
C TYR A 335 -40.03 42.64 -20.16
N THR A 336 -38.72 42.73 -20.38
CA THR A 336 -38.09 43.87 -21.03
C THR A 336 -37.57 43.46 -22.40
N PRO A 337 -38.09 44.11 -23.45
CA PRO A 337 -37.65 43.84 -24.83
C PRO A 337 -36.16 44.12 -25.00
N VAL A 338 -35.53 43.40 -25.93
CA VAL A 338 -34.08 43.54 -26.14
C VAL A 338 -33.75 44.67 -27.11
N ASN A 339 -34.69 44.98 -28.00
CA ASN A 339 -34.46 45.95 -29.07
C ASN A 339 -35.68 46.79 -29.40
N GLU A 340 -35.50 47.72 -30.34
CA GLU A 340 -36.61 48.50 -30.89
C GLU A 340 -37.41 47.58 -31.80
N PHE A 341 -36.75 46.50 -32.24
CA PHE A 341 -37.32 45.60 -33.21
C PHE A 341 -38.03 44.42 -32.54
N GLU A 342 -37.99 44.42 -31.22
CA GLU A 342 -38.83 43.54 -30.43
C GLU A 342 -39.81 44.40 -29.65
N GLU A 343 -41.11 44.16 -29.85
CA GLU A 343 -42.13 44.93 -29.17
C GLU A 343 -42.19 44.55 -27.69
N ARG A 344 -43.01 45.26 -26.92
CA ARG A 344 -43.27 44.84 -25.54
C ARG A 344 -44.37 43.79 -25.58
N VAL A 345 -44.46 42.98 -24.52
CA VAL A 345 -45.56 42.02 -24.42
C VAL A 345 -46.85 42.81 -24.27
N SER A 346 -47.84 42.50 -25.10
CA SER A 346 -49.08 43.27 -25.09
C SER A 346 -50.01 42.83 -23.96
N VAL A 347 -50.82 43.78 -23.50
CA VAL A 347 -51.80 43.55 -22.45
C VAL A 347 -52.82 42.51 -22.88
N SER A 348 -53.17 42.53 -24.16
CA SER A 348 -54.12 41.57 -24.71
C SER A 348 -53.54 40.15 -24.65
N PHE A 349 -52.29 40.01 -25.06
CA PHE A 349 -51.59 38.73 -25.05
C PHE A 349 -51.61 38.11 -23.64
N ILE A 350 -51.25 38.92 -22.65
CA ILE A 350 -51.22 38.47 -21.26
C ILE A 350 -52.61 38.01 -20.80
N ARG A 351 -53.63 38.75 -21.20
CA ARG A 351 -55.00 38.42 -20.85
C ARG A 351 -55.49 37.17 -21.56
N THR A 352 -55.02 36.96 -22.78
CA THR A 352 -55.31 35.75 -23.55
C THR A 352 -54.77 34.52 -22.83
N ILE A 353 -53.54 34.63 -22.34
CA ILE A 353 -52.90 33.57 -21.56
C ILE A 353 -53.60 33.41 -20.22
N GLN A 354 -53.91 34.53 -19.60
CA GLN A 354 -54.55 34.54 -18.29
C GLN A 354 -55.97 33.97 -18.34
N MET A 355 -56.52 33.86 -19.55
CA MET A 355 -57.88 33.36 -19.70
C MET A 355 -57.90 31.85 -19.95
N ARG A 356 -56.92 31.35 -20.69
CA ARG A 356 -56.84 29.93 -20.99
C ARG A 356 -56.41 29.12 -19.76
N LEU A 357 -55.66 29.74 -18.87
CA LEU A 357 -55.19 29.07 -17.66
C LEU A 357 -56.22 29.16 -16.54
N ARG A 358 -57.48 29.41 -16.90
CA ARG A 358 -58.55 29.53 -15.93
C ARG A 358 -59.14 28.18 -15.57
N ASP A 359 -59.25 27.29 -16.56
CA ASP A 359 -59.75 25.93 -16.34
C ASP A 359 -58.67 25.04 -15.73
N ARG A 360 -57.76 25.69 -15.01
CA ARG A 360 -56.70 25.04 -14.28
C ARG A 360 -57.01 25.32 -12.82
N LYS A 361 -56.68 24.38 -11.92
CA LYS A 361 -56.91 24.60 -10.49
C LYS A 361 -56.19 25.87 -10.03
N ASP A 362 -56.96 26.85 -9.55
CA ASP A 362 -56.42 28.17 -9.21
C ASP A 362 -55.22 28.14 -8.27
N SER A 363 -54.11 28.68 -8.75
CA SER A 363 -52.84 28.70 -8.02
C SER A 363 -52.30 30.13 -7.93
N PRO A 364 -52.73 30.86 -6.89
CA PRO A 364 -52.40 32.29 -6.76
C PRO A 364 -51.11 32.51 -5.98
N GLN A 365 -50.09 31.73 -6.27
CA GLN A 365 -48.86 31.78 -5.48
C GLN A 365 -47.62 32.06 -6.33
N LEU A 366 -46.79 32.95 -5.82
CA LEU A 366 -45.70 33.51 -6.59
C LEU A 366 -44.32 32.95 -6.23
N LEU A 367 -43.95 33.02 -4.96
CA LEU A 367 -42.60 32.66 -4.53
C LEU A 367 -42.47 31.22 -4.05
N MET A 368 -41.32 30.60 -4.34
CA MET A 368 -41.02 29.26 -3.86
C MET A 368 -40.56 29.33 -2.41
N ASP A 369 -40.83 28.28 -1.65
CA ASP A 369 -40.25 28.16 -0.32
C ASP A 369 -38.81 27.64 -0.45
N ALA A 370 -37.85 28.55 -0.34
CA ALA A 370 -36.45 28.24 -0.53
C ALA A 370 -35.87 27.47 0.66
N LYS A 371 -36.65 27.38 1.73
CA LYS A 371 -36.21 26.71 2.95
C LYS A 371 -36.84 25.33 3.08
N HIS A 372 -37.59 24.94 2.05
CA HIS A 372 -38.25 23.63 2.02
C HIS A 372 -37.24 22.48 2.02
N ILE A 373 -37.43 21.52 2.92
CA ILE A 373 -36.56 20.36 3.01
C ILE A 373 -37.34 19.08 2.69
N PHE A 374 -36.97 18.40 1.62
CA PHE A 374 -37.58 17.12 1.28
C PHE A 374 -37.32 16.14 2.42
N PRO A 375 -38.33 15.32 2.76
CA PRO A 375 -38.16 14.36 3.86
C PRO A 375 -37.19 13.23 3.51
N VAL A 376 -36.14 13.10 4.30
CA VAL A 376 -35.05 12.17 4.04
C VAL A 376 -35.38 10.73 4.45
N THR A 377 -34.94 9.77 3.65
CA THR A 377 -35.02 8.36 4.02
C THR A 377 -33.63 7.71 4.03
N PHE A 378 -33.50 6.62 4.78
CA PHE A 378 -32.23 5.90 4.85
C PHE A 378 -32.42 4.42 4.57
N PRO A 379 -32.64 4.05 3.30
CA PRO A 379 -32.82 2.63 2.97
C PRO A 379 -31.66 1.77 3.47
N PHE A 380 -31.96 0.53 3.85
CA PHE A 380 -30.96 -0.38 4.39
C PHE A 380 -29.84 -0.58 3.37
N ASN A 381 -28.60 -0.52 3.85
CA ASN A 381 -27.44 -0.62 2.97
C ASN A 381 -26.33 -1.47 3.57
N PRO A 382 -26.50 -2.80 3.55
CA PRO A 382 -25.55 -3.73 4.18
C PRO A 382 -24.19 -3.69 3.50
N SER A 383 -23.11 -3.86 4.27
CA SER A 383 -21.78 -3.84 3.69
C SER A 383 -21.14 -5.22 3.62
N SER A 384 -20.17 -5.36 2.72
CA SER A 384 -19.49 -6.63 2.47
C SER A 384 -18.29 -6.76 3.39
N LEU A 385 -18.10 -5.77 4.23
CA LEU A 385 -16.93 -5.75 5.09
C LEU A 385 -16.98 -6.87 6.12
N ALA A 386 -15.84 -7.52 6.32
CA ALA A 386 -15.72 -8.64 7.24
C ALA A 386 -15.19 -8.15 8.58
N LEU A 387 -16.00 -8.29 9.63
CA LEU A 387 -15.61 -7.79 10.95
C LEU A 387 -14.45 -8.57 11.55
N GLU A 388 -14.32 -9.84 11.18
CA GLU A 388 -13.25 -10.68 11.76
C GLU A 388 -11.85 -10.19 11.39
N THR A 389 -11.72 -9.39 10.32
CA THR A 389 -10.39 -8.95 9.90
C THR A 389 -10.10 -7.48 10.15
N ILE A 390 -11.04 -6.80 10.81
CA ILE A 390 -10.84 -5.40 11.16
C ILE A 390 -9.77 -5.24 12.24
N GLN A 391 -8.79 -4.38 11.98
CA GLN A 391 -7.78 -4.03 12.98
C GLN A 391 -8.03 -2.61 13.49
N ILE A 392 -7.36 -2.25 14.58
CA ILE A 392 -7.52 -0.92 15.18
C ILE A 392 -6.26 -0.07 14.96
N PRO A 393 -6.30 0.81 13.95
CA PRO A 393 -5.13 1.65 13.64
C PRO A 393 -4.62 2.45 14.84
N ALA A 394 -3.31 2.56 14.97
CA ALA A 394 -2.69 3.23 16.11
C ALA A 394 -3.03 4.72 16.22
N SER A 395 -3.31 5.37 15.10
CA SER A 395 -3.60 6.80 15.11
C SER A 395 -4.94 7.14 15.79
N LEU A 396 -5.74 6.12 16.07
CA LEU A 396 -7.01 6.34 16.77
C LEU A 396 -6.83 6.48 18.27
N GLY A 397 -5.68 6.05 18.78
CA GLY A 397 -5.41 6.11 20.21
C GLY A 397 -6.41 5.25 20.99
N LEU A 398 -6.62 4.02 20.52
CA LEU A 398 -7.52 3.09 21.19
C LEU A 398 -6.76 1.81 21.52
N GLY A 399 -5.50 1.95 21.89
CA GLY A 399 -4.67 0.82 22.24
C GLY A 399 -5.22 0.03 23.43
N PHE A 400 -6.01 0.70 24.27
CA PHE A 400 -6.55 0.07 25.46
C PHE A 400 -7.71 -0.87 25.18
N ILE A 401 -8.15 -0.94 23.93
CA ILE A 401 -9.16 -1.93 23.59
C ILE A 401 -8.50 -3.09 22.86
N ALA A 402 -9.02 -4.29 23.08
CA ALA A 402 -8.41 -5.50 22.53
C ALA A 402 -9.36 -6.23 21.60
N ARG A 403 -8.79 -6.84 20.57
CA ARG A 403 -9.56 -7.68 19.65
C ARG A 403 -9.90 -9.01 20.29
N VAL A 404 -11.07 -9.53 19.96
CA VAL A 404 -11.51 -10.83 20.45
C VAL A 404 -12.16 -11.59 19.30
N GLU B 20 -7.36 11.63 -9.08
CA GLU B 20 -7.72 12.34 -7.86
C GLU B 20 -6.57 12.35 -6.85
N ASP B 21 -5.62 11.45 -7.04
CA ASP B 21 -4.40 11.45 -6.23
C ASP B 21 -3.19 11.65 -7.13
N GLU B 22 -3.44 11.77 -8.43
CA GLU B 22 -2.39 11.96 -9.42
C GLU B 22 -1.64 13.25 -9.16
N GLY B 23 -2.33 14.21 -8.53
CA GLY B 23 -1.71 15.46 -8.14
C GLY B 23 -0.75 15.26 -6.97
N ALA B 24 -1.26 14.69 -5.88
CA ALA B 24 -0.44 14.51 -4.68
C ALA B 24 0.71 13.51 -4.92
N LEU B 25 0.44 12.44 -5.64
CA LEU B 25 1.48 11.45 -5.94
C LEU B 25 2.59 12.00 -6.84
N ALA B 26 2.30 13.09 -7.55
CA ALA B 26 3.29 13.70 -8.43
C ALA B 26 4.02 14.85 -7.75
N LYS B 27 3.63 15.16 -6.52
CA LYS B 27 4.32 16.19 -5.76
C LYS B 27 5.70 15.72 -5.32
N SER B 28 6.63 16.65 -5.21
CA SER B 28 7.87 16.38 -4.48
C SER B 28 7.49 16.12 -3.04
N PRO B 29 8.11 15.11 -2.43
CA PRO B 29 7.78 14.72 -1.05
C PRO B 29 7.92 15.88 -0.06
N LEU B 30 8.91 16.75 -0.26
CA LEU B 30 9.13 17.87 0.64
C LEU B 30 8.01 18.92 0.57
N GLN B 31 7.18 18.84 -0.47
CA GLN B 31 6.08 19.79 -0.63
C GLN B 31 4.71 19.15 -0.38
N LEU B 32 4.70 17.94 0.16
CA LEU B 32 3.47 17.28 0.56
C LEU B 32 2.87 17.96 1.77
N THR B 33 1.55 18.09 1.79
CA THR B 33 0.83 18.54 2.97
C THR B 33 0.07 17.37 3.54
N THR B 34 -0.41 17.52 4.77
CA THR B 34 -1.18 16.47 5.41
C THR B 34 -2.47 16.21 4.65
N ASP B 35 -2.96 17.22 3.92
CA ASP B 35 -4.13 17.06 3.07
C ASP B 35 -3.83 16.15 1.88
N ASP B 36 -2.63 16.28 1.30
CA ASP B 36 -2.18 15.37 0.25
C ASP B 36 -2.20 13.93 0.75
N VAL B 37 -1.67 13.73 1.95
CA VAL B 37 -1.66 12.42 2.59
C VAL B 37 -3.08 11.88 2.74
N TYR B 38 -4.01 12.71 3.18
CA TYR B 38 -5.39 12.30 3.33
C TYR B 38 -6.01 11.89 2.00
N ASP B 39 -5.70 12.64 0.96
CA ASP B 39 -6.22 12.35 -0.38
C ASP B 39 -5.66 11.05 -0.97
N ILE B 40 -4.35 10.85 -0.82
CA ILE B 40 -3.73 9.62 -1.25
C ILE B 40 -4.37 8.44 -0.52
N SER B 41 -4.54 8.60 0.79
CA SER B 41 -5.19 7.60 1.63
C SER B 41 -6.57 7.21 1.10
N TYR B 42 -7.36 8.21 0.69
CA TYR B 42 -8.71 7.93 0.23
C TYR B 42 -8.72 7.12 -1.06
N VAL B 43 -7.92 7.56 -2.03
CA VAL B 43 -7.85 6.92 -3.34
C VAL B 43 -7.33 5.48 -3.25
N VAL B 44 -6.21 5.31 -2.55
CA VAL B 44 -5.66 3.98 -2.33
C VAL B 44 -6.67 3.13 -1.57
N GLY B 45 -7.41 3.77 -0.67
CA GLY B 45 -8.46 3.12 0.08
C GLY B 45 -9.49 2.48 -0.82
N ARG B 46 -9.94 3.23 -1.82
CA ARG B 46 -10.91 2.73 -2.79
C ARG B 46 -10.35 1.56 -3.59
N GLU B 47 -9.12 1.70 -4.05
CA GLU B 47 -8.47 0.69 -4.88
C GLU B 47 -8.31 -0.63 -4.13
N LEU B 48 -8.04 -0.55 -2.84
CA LEU B 48 -7.97 -1.72 -1.99
C LEU B 48 -9.37 -2.29 -1.81
N MET B 49 -10.34 -1.41 -1.63
CA MET B 49 -11.73 -1.82 -1.48
C MET B 49 -12.21 -2.60 -2.70
N ALA B 50 -11.79 -2.16 -3.88
CA ALA B 50 -12.24 -2.78 -5.13
C ALA B 50 -11.76 -4.22 -5.33
N LEU B 51 -10.72 -4.62 -4.60
CA LEU B 51 -10.14 -5.94 -4.78
C LEU B 51 -10.93 -7.01 -4.04
N GLY B 52 -11.78 -6.60 -3.10
CA GLY B 52 -12.61 -7.53 -2.38
C GLY B 52 -12.26 -7.67 -0.91
N SER B 53 -12.80 -8.72 -0.29
CA SER B 53 -12.67 -8.90 1.16
C SER B 53 -11.75 -10.07 1.53
N ASP B 54 -10.86 -10.44 0.61
CA ASP B 54 -9.80 -11.41 0.89
C ASP B 54 -9.04 -10.95 2.13
N PRO B 55 -8.89 -11.82 3.13
CA PRO B 55 -8.14 -11.50 4.35
C PRO B 55 -6.72 -10.98 4.10
N ARG B 56 -6.09 -11.41 3.00
CA ARG B 56 -4.74 -10.94 2.74
C ARG B 56 -4.73 -9.60 2.00
N VAL B 57 -5.84 -9.28 1.35
CA VAL B 57 -6.06 -7.92 0.87
C VAL B 57 -6.26 -7.00 2.08
N THR B 58 -7.08 -7.45 3.02
CA THR B 58 -7.33 -6.71 4.24
C THR B 58 -6.05 -6.52 5.07
N ARG B 59 -5.21 -7.54 5.14
CA ARG B 59 -3.93 -7.43 5.83
C ARG B 59 -3.05 -6.37 5.19
N LEU B 60 -2.98 -6.39 3.87
CA LEU B 60 -2.23 -5.40 3.12
C LEU B 60 -2.77 -4.01 3.42
N GLN B 61 -4.10 -3.91 3.45
CA GLN B 61 -4.79 -2.65 3.72
C GLN B 61 -4.34 -2.01 5.04
N PHE B 62 -4.26 -2.79 6.11
CA PHE B 62 -3.84 -2.24 7.39
C PHE B 62 -2.35 -1.91 7.49
N LYS B 63 -1.53 -2.55 6.67
CA LYS B 63 -0.12 -2.16 6.60
C LYS B 63 0.03 -0.81 5.91
N ILE B 64 -0.80 -0.59 4.90
CA ILE B 64 -0.83 0.69 4.20
C ILE B 64 -1.34 1.82 5.10
N VAL B 65 -2.32 1.50 5.93
CA VAL B 65 -2.78 2.45 6.93
C VAL B 65 -1.61 2.91 7.78
N ARG B 66 -0.81 1.96 8.26
CA ARG B 66 0.35 2.27 9.08
C ARG B 66 1.39 3.09 8.33
N VAL B 67 1.62 2.75 7.06
CA VAL B 67 2.56 3.49 6.21
C VAL B 67 2.11 4.93 6.04
N MET B 68 0.82 5.11 5.72
CA MET B 68 0.25 6.45 5.57
C MET B 68 0.28 7.24 6.88
N GLU B 69 0.04 6.56 8.00
CA GLU B 69 0.17 7.19 9.31
C GLU B 69 1.59 7.73 9.48
N MET B 70 2.57 6.92 9.09
CA MET B 70 3.97 7.29 9.23
C MET B 70 4.30 8.46 8.31
N LEU B 71 3.83 8.39 7.07
CA LEU B 71 3.97 9.49 6.13
C LEU B 71 3.32 10.78 6.65
N GLU B 72 2.16 10.65 7.29
CA GLU B 72 1.47 11.83 7.84
C GLU B 72 2.30 12.50 8.93
N THR B 73 2.84 11.69 9.83
CA THR B 73 3.64 12.20 10.94
C THR B 73 4.91 12.89 10.44
N LEU B 74 5.53 12.33 9.42
CA LEU B 74 6.73 12.91 8.85
C LEU B 74 6.44 14.23 8.17
N VAL B 75 5.38 14.27 7.38
CA VAL B 75 4.95 15.49 6.73
C VAL B 75 4.66 16.58 7.76
N ASN B 76 4.02 16.18 8.87
CA ASN B 76 3.51 17.14 9.85
C ASN B 76 4.50 17.54 10.94
N GLU B 77 5.45 16.67 11.27
CA GLU B 77 6.37 16.93 12.38
C GLU B 77 7.84 16.80 11.98
N GLY B 78 8.11 16.43 10.73
CA GLY B 78 9.47 16.22 10.25
C GLY B 78 10.39 17.41 10.35
N SER B 79 9.83 18.62 10.28
CA SER B 79 10.61 19.86 10.28
C SER B 79 10.96 20.33 11.69
N LEU B 80 10.21 19.86 12.68
CA LEU B 80 10.34 20.35 14.06
C LEU B 80 11.74 20.25 14.64
N ALA B 81 12.31 19.04 14.61
CA ALA B 81 13.64 18.83 15.17
C ALA B 81 14.68 19.64 14.40
N VAL B 82 14.51 19.73 13.09
CA VAL B 82 15.39 20.54 12.26
C VAL B 82 15.26 22.02 12.64
N GLU B 83 14.03 22.49 12.79
CA GLU B 83 13.73 23.88 13.16
C GLU B 83 14.41 24.28 14.47
N GLU B 84 14.21 23.48 15.52
CA GLU B 84 14.78 23.78 16.83
C GLU B 84 16.31 23.89 16.75
N LEU B 85 16.94 22.91 16.12
CA LEU B 85 18.38 22.92 15.92
C LEU B 85 18.84 24.12 15.11
N ARG B 86 18.01 24.56 14.15
CA ARG B 86 18.37 25.68 13.28
C ARG B 86 18.40 27.02 14.03
N MET B 87 17.39 27.26 14.85
CA MET B 87 17.31 28.50 15.63
C MET B 87 18.52 28.58 16.55
N GLU B 88 18.90 27.44 17.11
CA GLU B 88 19.99 27.35 18.06
C GLU B 88 21.34 27.58 17.38
N ARG B 89 21.52 26.94 16.22
CA ARG B 89 22.67 27.16 15.35
C ARG B 89 22.83 28.64 15.05
N ASP B 90 21.73 29.29 14.66
CA ASP B 90 21.77 30.69 14.28
C ASP B 90 22.09 31.59 15.48
N ASN B 91 21.54 31.25 16.63
CA ASN B 91 21.80 31.99 17.87
C ASN B 91 23.25 31.91 18.32
N LEU B 92 23.81 30.70 18.32
CA LEU B 92 25.24 30.51 18.59
C LEU B 92 26.09 31.32 17.60
N LYS B 93 25.71 31.27 16.33
CA LYS B 93 26.40 32.03 15.28
C LYS B 93 26.36 33.53 15.57
N GLN B 94 25.20 34.03 16.00
CA GLN B 94 25.05 35.43 16.37
C GLN B 94 26.04 35.78 17.47
N GLU B 95 26.17 34.88 18.44
CA GLU B 95 27.07 35.10 19.58
C GLU B 95 28.54 35.10 19.17
N VAL B 96 28.88 34.25 18.22
CA VAL B 96 30.25 34.19 17.72
C VAL B 96 30.62 35.52 17.05
N GLU B 97 29.71 36.02 16.20
CA GLU B 97 29.94 37.29 15.52
C GLU B 97 30.06 38.45 16.51
N GLY B 98 29.22 38.44 17.54
CA GLY B 98 29.22 39.51 18.53
C GLY B 98 30.46 39.54 19.41
N LEU B 99 31.00 38.37 19.74
CA LEU B 99 32.17 38.30 20.61
C LEU B 99 33.47 38.64 19.87
N ARG B 100 33.43 38.61 18.54
CA ARG B 100 34.60 38.93 17.74
C ARG B 100 34.52 40.33 17.12
N LYS C 19 -34.51 -19.23 21.71
CA LYS C 19 -33.87 -18.22 22.54
C LYS C 19 -34.18 -16.81 22.03
N LYS C 20 -35.26 -16.23 22.51
CA LYS C 20 -35.63 -14.87 22.15
C LYS C 20 -34.69 -13.89 22.84
N LYS C 21 -34.12 -12.98 22.07
CA LYS C 21 -33.25 -11.97 22.62
C LYS C 21 -34.06 -11.03 23.51
N ARG C 22 -33.42 -10.47 24.52
CA ARG C 22 -34.07 -9.53 25.40
C ARG C 22 -34.13 -8.15 24.74
N LEU C 23 -35.33 -7.61 24.59
CA LEU C 23 -35.54 -6.27 24.06
C LEU C 23 -35.16 -5.22 25.09
N LEU C 24 -34.12 -4.44 24.80
CA LEU C 24 -33.68 -3.39 25.72
C LEU C 24 -34.47 -2.11 25.51
N SER C 25 -35.05 -1.59 26.60
CA SER C 25 -35.86 -0.39 26.53
C SER C 25 -35.02 0.87 26.36
N PHE C 26 -35.44 1.73 25.44
CA PHE C 26 -34.80 3.03 25.28
C PHE C 26 -35.80 4.17 25.20
N ARG C 27 -35.77 5.03 26.20
CA ARG C 27 -36.65 6.19 26.26
C ARG C 27 -35.83 7.47 26.28
N ASP C 28 -36.46 8.60 25.95
CA ASP C 28 -35.76 9.88 25.87
C ASP C 28 -35.15 10.27 27.23
N VAL C 29 -35.79 9.82 28.30
CA VAL C 29 -35.27 10.02 29.65
C VAL C 29 -33.86 9.46 29.81
N ASP C 30 -33.48 8.51 28.95
CA ASP C 30 -32.17 7.86 29.03
C ASP C 30 -31.05 8.72 28.42
N PHE C 31 -31.42 9.71 27.61
CA PHE C 31 -30.44 10.52 26.90
C PHE C 31 -30.42 11.97 27.36
N GLU C 32 -29.22 12.52 27.53
CA GLU C 32 -29.02 13.92 27.93
C GLU C 32 -29.75 14.27 29.22
N ASP D 21 -3.07 0.96 -23.34
CA ASP D 21 -2.41 -0.33 -23.45
C ASP D 21 -1.00 -0.24 -24.02
N PHE D 22 -0.08 -0.97 -23.41
CA PHE D 22 1.31 -0.99 -23.84
C PHE D 22 1.73 -2.39 -24.28
N GLN D 23 2.82 -2.47 -25.03
CA GLN D 23 3.31 -3.74 -25.55
C GLN D 23 4.35 -4.37 -24.63
N GLY D 24 4.90 -3.57 -23.72
CA GLY D 24 5.88 -4.06 -22.77
C GLY D 24 7.31 -3.84 -23.22
N MET D 25 7.56 -2.72 -23.89
CA MET D 25 8.90 -2.35 -24.30
C MET D 25 9.30 -1.00 -23.71
N LEU D 26 10.58 -0.69 -23.81
CA LEU D 26 11.11 0.59 -23.36
C LEU D 26 12.06 1.18 -24.40
N GLU D 27 11.73 2.36 -24.91
CA GLU D 27 12.59 3.04 -25.87
C GLU D 27 13.44 4.11 -25.18
N TYR D 28 14.65 4.31 -25.69
CA TYR D 28 15.52 5.36 -25.18
C TYR D 28 16.39 5.88 -26.32
N LYS D 29 16.74 7.16 -26.27
CA LYS D 29 17.64 7.75 -27.27
C LYS D 29 19.03 7.13 -27.13
N ARG D 30 19.72 6.97 -28.25
CA ARG D 30 21.00 6.26 -28.28
C ARG D 30 22.11 6.94 -27.49
N GLU D 31 22.13 8.27 -27.50
CA GLU D 31 23.16 9.00 -26.75
C GLU D 31 22.84 9.01 -25.26
N ASP D 32 21.71 8.42 -24.88
CA ASP D 32 21.32 8.33 -23.48
C ASP D 32 21.70 6.98 -22.87
N GLU D 33 22.26 6.10 -23.69
CA GLU D 33 22.53 4.72 -23.25
C GLU D 33 23.50 4.63 -22.08
N GLN D 34 24.52 5.49 -22.08
CA GLN D 34 25.47 5.49 -20.98
C GLN D 34 24.84 5.96 -19.68
N LYS D 35 23.80 6.77 -19.79
CA LYS D 35 23.06 7.23 -18.63
C LYS D 35 22.16 6.10 -18.13
N LEU D 36 21.64 5.32 -19.07
CA LEU D 36 20.80 4.16 -18.78
C LEU D 36 21.52 3.15 -17.89
N VAL D 37 22.64 2.63 -18.36
CA VAL D 37 23.38 1.61 -17.61
C VAL D 37 24.05 2.19 -16.37
N LYS D 38 24.24 3.50 -16.34
CA LYS D 38 24.79 4.17 -15.18
C LYS D 38 23.83 4.16 -13.99
N ASN D 39 22.59 4.59 -14.24
CA ASN D 39 21.58 4.63 -13.19
C ASN D 39 20.97 3.26 -12.89
N LEU D 40 20.93 2.40 -13.91
CA LEU D 40 20.26 1.11 -13.77
C LEU D 40 21.21 0.00 -13.31
N ILE D 41 22.50 0.21 -13.48
CA ILE D 41 23.50 -0.80 -13.09
C ILE D 41 24.62 -0.22 -12.24
N LEU D 42 25.39 0.70 -12.81
CA LEU D 42 26.56 1.28 -12.14
C LEU D 42 26.28 1.83 -10.75
N GLU D 43 25.26 2.67 -10.64
CA GLU D 43 24.99 3.35 -9.38
C GLU D 43 23.65 2.97 -8.76
N LEU D 44 23.07 1.86 -9.20
CA LEU D 44 21.85 1.35 -8.60
C LEU D 44 22.16 0.66 -7.27
N LYS D 45 21.46 1.04 -6.21
CA LYS D 45 21.71 0.44 -4.91
C LYS D 45 21.01 -0.91 -4.77
N PRO D 46 21.71 -1.90 -4.19
CA PRO D 46 21.13 -3.24 -3.99
C PRO D 46 19.98 -3.20 -2.99
N ARG D 47 19.92 -2.13 -2.21
CA ARG D 47 18.85 -1.93 -1.26
C ARG D 47 18.12 -0.62 -1.56
N GLY D 48 16.87 -0.74 -2.02
CA GLY D 48 16.07 0.41 -2.36
C GLY D 48 14.60 0.09 -2.29
N VAL D 49 13.75 1.13 -2.26
CA VAL D 49 12.30 0.96 -2.23
C VAL D 49 11.80 0.17 -3.43
N ALA D 50 12.20 0.59 -4.63
CA ALA D 50 11.69 -0.05 -5.83
C ALA D 50 12.18 -1.50 -6.00
N VAL D 51 13.50 -1.73 -5.91
CA VAL D 51 14.02 -3.07 -6.06
C VAL D 51 13.54 -4.05 -4.96
N ASN D 52 13.30 -3.53 -3.76
CA ASN D 52 12.78 -4.36 -2.67
C ASN D 52 11.31 -4.75 -2.85
N LEU D 53 10.54 -3.82 -3.40
CA LEU D 53 9.13 -4.05 -3.66
C LEU D 53 8.96 -4.97 -4.86
N ILE D 54 9.88 -4.84 -5.82
CA ILE D 54 9.82 -5.65 -7.03
C ILE D 54 11.19 -6.22 -7.34
N PRO D 55 11.53 -7.35 -6.70
CA PRO D 55 12.85 -7.97 -6.93
C PRO D 55 13.03 -8.37 -8.40
N GLY D 56 14.24 -8.18 -8.91
CA GLY D 56 14.53 -8.52 -10.30
C GLY D 56 14.20 -7.40 -11.25
N LEU D 57 13.65 -6.30 -10.73
CA LEU D 57 13.23 -5.16 -11.55
C LEU D 57 14.24 -4.65 -12.57
N PRO D 58 15.51 -4.44 -12.16
CA PRO D 58 16.47 -3.96 -13.16
C PRO D 58 16.68 -4.92 -14.33
N ALA D 59 16.52 -6.22 -14.09
CA ALA D 59 16.65 -7.20 -15.15
C ALA D 59 15.46 -7.11 -16.11
N TYR D 60 14.26 -7.02 -15.57
CA TYR D 60 13.05 -6.81 -16.38
C TYR D 60 13.16 -5.55 -17.24
N ILE D 61 13.65 -4.47 -16.64
CA ILE D 61 13.78 -3.21 -17.37
C ILE D 61 14.82 -3.30 -18.49
N LEU D 62 15.95 -3.91 -18.20
CA LEU D 62 16.98 -4.12 -19.20
C LEU D 62 16.45 -4.93 -20.37
N PHE D 63 15.69 -5.98 -20.06
CA PHE D 63 15.14 -6.81 -21.11
C PHE D 63 14.14 -6.07 -21.99
N MET D 64 13.34 -5.20 -21.38
CA MET D 64 12.33 -4.44 -22.12
C MET D 64 12.98 -3.48 -23.10
N CYS D 65 14.15 -2.98 -22.72
CA CYS D 65 14.94 -2.10 -23.58
C CYS D 65 15.47 -2.87 -24.79
N VAL D 66 15.92 -4.09 -24.55
CA VAL D 66 16.40 -4.98 -25.61
C VAL D 66 15.29 -5.30 -26.61
N ARG D 67 14.09 -5.55 -26.09
CA ARG D 67 12.94 -5.87 -26.94
C ARG D 67 12.71 -4.81 -28.00
N HIS D 68 12.74 -3.55 -27.59
CA HIS D 68 12.47 -2.46 -28.51
C HIS D 68 13.60 -2.26 -29.51
N ALA D 69 14.84 -2.48 -29.07
CA ALA D 69 15.98 -2.42 -29.97
C ALA D 69 15.84 -3.51 -31.02
N ASP D 70 15.36 -4.67 -30.59
CA ASP D 70 15.08 -5.78 -31.49
C ASP D 70 13.93 -5.40 -32.44
N TYR D 71 12.89 -4.81 -31.87
CA TYR D 71 11.72 -4.37 -32.63
C TYR D 71 12.11 -3.33 -33.67
N LEU D 72 13.17 -2.58 -33.39
CA LEU D 72 13.68 -1.59 -34.33
C LEU D 72 14.57 -2.23 -35.40
N ASN D 73 14.96 -3.49 -35.18
CA ASN D 73 15.90 -4.19 -36.05
C ASN D 73 17.25 -3.45 -36.11
N ASP D 74 17.59 -2.78 -35.01
CA ASP D 74 18.83 -2.02 -34.92
C ASP D 74 19.91 -2.86 -34.24
N ASP D 75 20.70 -3.57 -35.04
CA ASP D 75 21.71 -4.48 -34.51
C ASP D 75 22.82 -3.76 -33.75
N GLN D 76 23.07 -2.51 -34.13
CA GLN D 76 24.13 -1.72 -33.50
C GLN D 76 23.70 -1.22 -32.12
N LYS D 77 22.40 -1.09 -31.91
CA LYS D 77 21.87 -0.67 -30.62
C LYS D 77 21.71 -1.87 -29.68
N VAL D 78 21.22 -3.00 -30.23
CA VAL D 78 21.15 -4.25 -29.49
C VAL D 78 22.52 -4.65 -28.96
N ARG D 79 23.52 -4.59 -29.85
CA ARG D 79 24.89 -4.93 -29.50
C ARG D 79 25.41 -3.98 -28.43
N SER D 80 25.12 -2.69 -28.59
CA SER D 80 25.59 -1.68 -27.66
C SER D 80 25.06 -1.91 -26.24
N LEU D 81 23.76 -2.14 -26.13
CA LEU D 81 23.11 -2.35 -24.83
C LEU D 81 23.60 -3.64 -24.16
N LEU D 82 23.61 -4.74 -24.91
CA LEU D 82 24.02 -6.02 -24.36
C LEU D 82 25.47 -5.99 -23.89
N THR D 83 26.32 -5.26 -24.60
CA THR D 83 27.72 -5.11 -24.24
C THR D 83 27.89 -4.27 -22.99
N SER D 84 27.25 -3.09 -22.99
CA SER D 84 27.29 -2.18 -21.85
C SER D 84 26.81 -2.88 -20.58
N THR D 85 25.80 -3.73 -20.73
CA THR D 85 25.18 -4.39 -19.59
C THR D 85 26.18 -5.26 -18.85
N ILE D 86 26.84 -6.15 -19.59
CA ILE D 86 27.84 -7.03 -18.98
C ILE D 86 29.05 -6.24 -18.50
N ASN D 87 29.50 -5.28 -19.30
CA ASN D 87 30.61 -4.43 -18.89
C ASN D 87 30.31 -3.68 -17.60
N SER D 88 29.09 -3.13 -17.50
CA SER D 88 28.70 -2.37 -16.33
C SER D 88 28.58 -3.27 -15.10
N ILE D 89 27.95 -4.43 -15.28
CA ILE D 89 27.83 -5.39 -14.19
C ILE D 89 29.20 -5.77 -13.65
N LYS D 90 30.13 -6.07 -14.56
CA LYS D 90 31.50 -6.40 -14.19
C LYS D 90 32.20 -5.22 -13.52
N LYS D 91 31.95 -4.01 -14.04
CA LYS D 91 32.48 -2.79 -13.47
C LYS D 91 32.03 -2.65 -12.02
N VAL D 92 30.75 -2.96 -11.76
CA VAL D 92 30.19 -2.91 -10.42
C VAL D 92 30.85 -3.92 -9.48
N LEU D 93 30.91 -5.17 -9.91
CA LEU D 93 31.46 -6.24 -9.10
C LEU D 93 32.97 -6.10 -8.86
N LYS D 94 33.65 -5.34 -9.70
CA LYS D 94 35.05 -5.04 -9.47
C LYS D 94 35.16 -4.03 -8.34
N LYS D 95 34.38 -2.96 -8.44
CA LYS D 95 34.44 -1.85 -7.50
C LYS D 95 33.93 -2.21 -6.10
N ARG D 96 32.94 -3.09 -6.02
CA ARG D 96 32.35 -3.45 -4.74
C ARG D 96 32.19 -4.96 -4.55
N GLY D 97 33.19 -5.72 -5.01
CA GLY D 97 33.13 -7.17 -4.94
C GLY D 97 33.35 -7.77 -3.57
N ASP D 98 33.68 -6.92 -2.59
CA ASP D 98 33.87 -7.39 -1.22
C ASP D 98 32.55 -7.40 -0.47
N ASP D 99 31.51 -6.88 -1.11
CA ASP D 99 30.22 -6.64 -0.45
C ASP D 99 29.16 -7.67 -0.80
N PHE D 100 28.70 -8.41 0.20
CA PHE D 100 27.76 -9.51 0.00
C PHE D 100 26.44 -9.11 -0.66
N GLU D 101 25.85 -8.01 -0.20
CA GLU D 101 24.59 -7.54 -0.78
C GLU D 101 24.72 -7.28 -2.27
N THR D 102 25.77 -6.54 -2.65
CA THR D 102 25.97 -6.20 -4.05
C THR D 102 26.11 -7.45 -4.91
N VAL D 103 26.95 -8.38 -4.47
CA VAL D 103 27.16 -9.63 -5.20
C VAL D 103 25.87 -10.44 -5.33
N SER D 104 25.18 -10.64 -4.21
CA SER D 104 23.89 -11.35 -4.19
C SER D 104 22.87 -10.69 -5.11
N PHE D 105 22.86 -9.36 -5.10
CA PHE D 105 21.91 -8.60 -5.89
C PHE D 105 22.15 -8.82 -7.37
N TRP D 106 23.40 -8.68 -7.80
CA TRP D 106 23.71 -8.79 -9.22
C TRP D 106 23.74 -10.22 -9.75
N LEU D 107 24.01 -11.19 -8.87
CA LEU D 107 23.80 -12.59 -9.23
C LEU D 107 22.33 -12.80 -9.54
N SER D 108 21.48 -12.38 -8.60
CA SER D 108 20.04 -12.56 -8.74
C SER D 108 19.51 -11.91 -10.00
N ASN D 109 20.00 -10.71 -10.31
CA ASN D 109 19.54 -9.97 -11.47
C ASN D 109 20.14 -10.41 -12.81
N THR D 110 21.41 -10.78 -12.80
CA THR D 110 22.04 -11.37 -13.99
C THR D 110 21.27 -12.62 -14.39
N CYS D 111 20.92 -13.42 -13.38
CA CYS D 111 20.13 -14.63 -13.61
C CYS D 111 18.78 -14.31 -14.24
N ARG D 112 18.06 -13.38 -13.64
CA ARG D 112 16.74 -13.00 -14.14
C ARG D 112 16.84 -12.47 -15.57
N PHE D 113 17.91 -11.74 -15.85
CA PHE D 113 18.17 -11.26 -17.22
C PHE D 113 18.36 -12.44 -18.17
N LEU D 114 19.09 -13.45 -17.70
CA LEU D 114 19.30 -14.67 -18.49
C LEU D 114 17.99 -15.40 -18.74
N HIS D 115 17.18 -15.55 -17.69
CA HIS D 115 15.87 -16.17 -17.83
C HIS D 115 14.99 -15.39 -18.81
N CYS D 116 15.03 -14.06 -18.73
CA CYS D 116 14.20 -13.24 -19.62
C CYS D 116 14.60 -13.41 -21.07
N LEU D 117 15.91 -13.53 -21.31
CA LEU D 117 16.41 -13.72 -22.66
C LEU D 117 16.00 -15.09 -23.18
N LYS D 118 15.86 -16.05 -22.27
CA LYS D 118 15.40 -17.38 -22.66
C LYS D 118 13.89 -17.41 -22.83
N GLN D 119 13.17 -16.96 -21.81
CA GLN D 119 11.71 -17.05 -21.79
C GLN D 119 11.03 -16.34 -22.95
N TYR D 120 11.72 -15.36 -23.53
CA TYR D 120 11.18 -14.61 -24.65
C TYR D 120 12.11 -14.67 -25.85
N SER D 121 12.81 -15.79 -26.00
CA SER D 121 13.75 -15.97 -27.10
C SER D 121 13.02 -16.35 -28.38
N GLY D 122 11.80 -16.84 -28.23
CA GLY D 122 11.02 -17.32 -29.36
C GLY D 122 11.30 -18.78 -29.64
N GLU D 123 12.09 -19.41 -28.77
CA GLU D 123 12.34 -20.84 -28.86
C GLU D 123 11.26 -21.61 -28.10
N GLU D 124 10.60 -22.52 -28.81
CA GLU D 124 9.52 -23.35 -28.26
C GLU D 124 9.88 -23.98 -26.91
N GLY D 125 11.13 -24.39 -26.76
CA GLY D 125 11.59 -25.05 -25.54
C GLY D 125 11.47 -24.21 -24.30
N PHE D 126 11.78 -22.92 -24.43
CA PHE D 126 11.75 -22.00 -23.30
C PHE D 126 10.38 -21.33 -23.14
N MET D 127 9.39 -21.81 -23.87
CA MET D 127 8.08 -21.17 -23.90
C MET D 127 6.94 -22.03 -23.36
N LYS D 128 7.27 -23.04 -22.56
CA LYS D 128 6.26 -24.00 -22.09
C LYS D 128 5.55 -23.56 -20.82
N HIS D 129 5.93 -22.40 -20.29
CA HIS D 129 5.30 -21.87 -19.08
C HIS D 129 4.79 -20.45 -19.30
N ASN D 130 4.61 -20.06 -20.56
CA ASN D 130 4.17 -18.72 -20.89
C ASN D 130 2.68 -18.62 -21.16
N THR D 131 2.10 -17.49 -20.76
CA THR D 131 0.73 -17.17 -21.13
C THR D 131 0.72 -16.82 -22.61
N SER D 132 -0.48 -16.74 -23.18
CA SER D 132 -0.61 -16.30 -24.57
C SER D 132 -0.03 -14.90 -24.72
N ARG D 133 -0.30 -14.06 -23.72
CA ARG D 133 0.15 -12.68 -23.73
C ARG D 133 1.67 -12.57 -23.70
N GLN D 134 2.29 -13.43 -22.89
CA GLN D 134 3.75 -13.44 -22.78
C GLN D 134 4.42 -13.86 -24.08
N ASN D 135 3.83 -14.85 -24.75
CA ASN D 135 4.38 -15.35 -26.00
C ASN D 135 4.37 -14.33 -27.14
N GLU D 136 3.57 -13.28 -26.98
CA GLU D 136 3.53 -12.19 -27.94
C GLU D 136 4.76 -11.29 -27.78
N HIS D 137 5.43 -11.41 -26.64
CA HIS D 137 6.55 -10.52 -26.30
C HIS D 137 7.91 -11.07 -26.73
N CYS D 138 7.92 -12.18 -27.45
CA CYS D 138 9.16 -12.79 -27.91
C CYS D 138 9.94 -11.87 -28.83
N LEU D 139 11.25 -12.12 -28.95
CA LEU D 139 12.08 -11.38 -29.90
C LEU D 139 11.73 -11.86 -31.32
N THR D 140 12.02 -11.03 -32.31
CA THR D 140 11.63 -11.35 -33.69
C THR D 140 12.76 -11.24 -34.70
N ASN D 141 13.69 -10.33 -34.48
CA ASN D 141 14.72 -10.03 -35.49
C ASN D 141 16.13 -10.52 -35.17
N PHE D 142 16.41 -10.80 -33.90
CA PHE D 142 17.76 -11.21 -33.51
C PHE D 142 17.79 -12.47 -32.65
N ASP D 143 18.82 -13.28 -32.86
CA ASP D 143 19.04 -14.48 -32.05
C ASP D 143 20.23 -14.27 -31.13
N LEU D 144 19.95 -14.16 -29.84
CA LEU D 144 20.97 -13.81 -28.86
C LEU D 144 21.55 -15.03 -28.16
N ALA D 145 21.51 -16.17 -28.84
CA ALA D 145 22.02 -17.42 -28.27
C ALA D 145 23.46 -17.28 -27.81
N GLU D 146 24.27 -16.60 -28.61
CA GLU D 146 25.68 -16.40 -28.27
C GLU D 146 25.84 -15.49 -27.06
N TYR D 147 24.96 -14.49 -26.95
CA TYR D 147 24.98 -13.61 -25.78
C TYR D 147 24.62 -14.34 -24.49
N ARG D 148 23.64 -15.24 -24.57
CA ARG D 148 23.20 -16.00 -23.39
C ARG D 148 24.35 -16.79 -22.80
N GLN D 149 25.19 -17.35 -23.68
CA GLN D 149 26.35 -18.11 -23.23
C GLN D 149 27.31 -17.23 -22.43
N VAL D 150 27.64 -16.06 -22.97
CA VAL D 150 28.51 -15.12 -22.27
C VAL D 150 27.92 -14.75 -20.91
N LEU D 151 26.62 -14.48 -20.90
CA LEU D 151 25.90 -14.09 -19.69
C LEU D 151 25.89 -15.18 -18.63
N SER D 152 25.63 -16.41 -19.07
CA SER D 152 25.61 -17.55 -18.16
C SER D 152 27.00 -17.75 -17.55
N ASP D 153 28.04 -17.52 -18.34
CA ASP D 153 29.40 -17.62 -17.87
C ASP D 153 29.73 -16.49 -16.91
N LEU D 154 29.21 -15.31 -17.20
CA LEU D 154 29.33 -14.19 -16.27
C LEU D 154 28.66 -14.54 -14.94
N ALA D 155 27.50 -15.16 -15.01
CA ALA D 155 26.78 -15.57 -13.80
C ALA D 155 27.62 -16.53 -12.95
N ILE D 156 28.19 -17.54 -13.59
CA ILE D 156 29.07 -18.50 -12.91
C ILE D 156 30.19 -17.76 -12.17
N GLN D 157 30.82 -16.82 -12.88
CA GLN D 157 31.82 -15.93 -12.28
C GLN D 157 31.29 -15.25 -11.02
N ILE D 158 30.11 -14.63 -11.13
CA ILE D 158 29.49 -13.94 -10.00
C ILE D 158 29.24 -14.86 -8.81
N TYR D 159 28.71 -16.04 -9.10
CA TYR D 159 28.39 -17.03 -8.07
C TYR D 159 29.61 -17.36 -7.21
N GLN D 160 30.79 -17.30 -7.82
CA GLN D 160 32.00 -17.68 -7.10
C GLN D 160 32.58 -16.52 -6.31
N GLN D 161 32.38 -15.30 -6.78
CA GLN D 161 32.72 -14.15 -5.95
C GLN D 161 31.83 -14.17 -4.72
N LEU D 162 30.59 -14.64 -4.90
CA LEU D 162 29.64 -14.75 -3.78
C LEU D 162 30.17 -15.64 -2.68
N VAL D 163 30.52 -16.88 -3.04
CA VAL D 163 31.06 -17.85 -2.09
C VAL D 163 32.35 -17.35 -1.44
N ARG D 164 33.14 -16.62 -2.23
CA ARG D 164 34.37 -16.01 -1.75
C ARG D 164 34.07 -15.05 -0.60
N VAL D 165 33.20 -14.08 -0.85
CA VAL D 165 32.77 -13.12 0.18
C VAL D 165 32.10 -13.86 1.32
N LEU D 166 31.24 -14.79 0.97
CA LEU D 166 30.54 -15.66 1.91
C LEU D 166 31.48 -16.33 2.89
N GLU D 167 32.58 -16.87 2.38
CA GLU D 167 33.51 -17.63 3.20
C GLU D 167 34.34 -16.72 4.12
N ASN D 168 34.84 -15.63 3.58
CA ASN D 168 35.61 -14.67 4.36
C ASN D 168 34.85 -14.13 5.58
N ILE D 169 33.53 -14.13 5.50
CA ILE D 169 32.70 -13.69 6.61
C ILE D 169 32.45 -14.80 7.61
N LEU D 170 32.14 -15.98 7.10
CA LEU D 170 31.89 -17.14 7.96
C LEU D 170 33.14 -17.65 8.65
N GLN D 171 34.25 -17.67 7.90
CA GLN D 171 35.51 -18.28 8.36
C GLN D 171 35.98 -17.89 9.77
N PRO D 172 36.05 -16.59 10.08
CA PRO D 172 36.58 -16.23 11.41
C PRO D 172 35.63 -16.54 12.55
N MET D 173 34.50 -17.17 12.24
CA MET D 173 33.49 -17.47 13.26
C MET D 173 33.41 -18.95 13.55
N ILE D 174 33.84 -19.76 12.58
CA ILE D 174 33.59 -21.19 12.61
C ILE D 174 34.24 -21.92 13.79
N VAL D 175 35.56 -21.79 13.93
CA VAL D 175 36.26 -22.45 15.02
C VAL D 175 35.68 -22.10 16.38
N SER D 176 35.51 -20.79 16.62
CA SER D 176 35.02 -20.31 17.90
C SER D 176 33.61 -20.81 18.21
N GLY D 177 32.70 -20.66 17.26
CA GLY D 177 31.32 -21.04 17.46
C GLY D 177 31.06 -22.53 17.52
N MET D 178 31.80 -23.28 16.71
CA MET D 178 31.60 -24.73 16.63
C MET D 178 32.42 -25.50 17.67
N LEU D 179 33.60 -24.96 18.02
CA LEU D 179 34.55 -25.69 18.86
C LEU D 179 34.92 -24.98 20.17
N GLU D 180 35.73 -23.92 20.08
CA GLU D 180 36.29 -23.26 21.26
C GLU D 180 35.27 -22.58 22.16
N HIS D 181 34.19 -23.28 22.53
CA HIS D 181 33.14 -22.60 23.25
C HIS D 181 32.19 -23.48 24.04
N GLU D 182 32.30 -23.43 25.36
CA GLU D 182 31.38 -24.13 26.24
C GLU D 182 30.06 -23.39 26.37
N THR D 207 35.61 -15.83 20.49
CA THR D 207 34.96 -14.62 20.01
C THR D 207 33.47 -14.84 19.77
N TYR D 208 33.16 -15.42 18.62
CA TYR D 208 31.78 -15.67 18.21
C TYR D 208 31.24 -16.94 18.87
N THR D 209 29.93 -17.15 18.77
CA THR D 209 29.29 -18.33 19.35
C THR D 209 28.59 -19.10 18.25
N LEU D 210 27.86 -20.15 18.64
CA LEU D 210 27.07 -20.92 17.69
C LEU D 210 25.95 -20.05 17.14
N ASP D 211 25.24 -19.37 18.04
CA ASP D 211 24.13 -18.52 17.64
C ASP D 211 24.58 -17.41 16.69
N SER D 212 25.84 -16.99 16.85
CA SER D 212 26.44 -16.04 15.92
C SER D 212 26.39 -16.60 14.50
N ILE D 213 26.72 -17.88 14.38
CA ILE D 213 26.75 -18.55 13.08
C ILE D 213 25.36 -18.65 12.48
N LEU D 214 24.41 -19.15 13.28
CA LEU D 214 23.03 -19.24 12.86
C LEU D 214 22.48 -17.87 12.48
N ARG D 215 22.88 -16.85 13.23
CA ARG D 215 22.50 -15.47 12.96
C ARG D 215 23.02 -15.04 11.59
N GLN D 216 24.29 -15.33 11.34
CA GLN D 216 24.93 -14.96 10.09
C GLN D 216 24.29 -15.72 8.93
N LEU D 217 23.91 -16.98 9.20
CA LEU D 217 23.20 -17.78 8.21
C LEU D 217 21.81 -17.21 7.94
N ASN D 218 21.13 -16.77 8.99
CA ASN D 218 19.84 -16.11 8.83
C ASN D 218 19.95 -14.83 8.00
N SER D 219 21.04 -14.10 8.20
CA SER D 219 21.27 -12.87 7.44
C SER D 219 21.49 -13.15 5.96
N PHE D 220 22.39 -14.09 5.66
CA PHE D 220 22.67 -14.50 4.28
C PHE D 220 21.41 -14.92 3.52
N HIS D 221 20.60 -15.78 4.14
CA HIS D 221 19.40 -16.32 3.50
C HIS D 221 18.35 -15.26 3.21
N SER D 222 18.15 -14.34 4.14
CA SER D 222 17.13 -13.31 3.98
C SER D 222 17.51 -12.33 2.88
N VAL D 223 18.81 -12.02 2.81
CA VAL D 223 19.30 -11.11 1.78
C VAL D 223 19.08 -11.68 0.38
N MET D 224 19.43 -12.94 0.20
CA MET D 224 19.23 -13.60 -1.09
C MET D 224 17.74 -13.70 -1.42
N SER D 225 16.92 -13.95 -0.41
CA SER D 225 15.47 -14.01 -0.60
C SER D 225 14.92 -12.67 -1.09
N GLN D 226 15.30 -11.58 -0.42
CA GLN D 226 14.82 -10.25 -0.76
C GLN D 226 15.24 -9.78 -2.15
N HIS D 227 16.25 -10.44 -2.72
CA HIS D 227 16.73 -10.09 -4.05
C HIS D 227 16.01 -10.90 -5.12
N GLY D 228 15.17 -11.83 -4.68
CA GLY D 228 14.45 -12.69 -5.59
C GLY D 228 15.35 -13.71 -6.28
N MET D 229 16.45 -14.06 -5.61
CA MET D 229 17.35 -15.09 -6.13
C MET D 229 16.60 -16.41 -6.25
N ASP D 230 16.78 -17.09 -7.38
CA ASP D 230 16.12 -18.38 -7.62
C ASP D 230 16.29 -19.31 -6.42
N PRO D 231 15.17 -19.87 -5.94
CA PRO D 231 15.16 -20.80 -4.80
C PRO D 231 16.18 -21.93 -4.98
N GLU D 232 16.31 -22.46 -6.19
CA GLU D 232 17.28 -23.52 -6.46
C GLU D 232 18.72 -23.02 -6.42
N LEU D 233 18.90 -21.71 -6.60
CA LEU D 233 20.22 -21.11 -6.47
C LEU D 233 20.55 -20.94 -5.00
N ILE D 234 19.54 -20.54 -4.22
CA ILE D 234 19.72 -20.38 -2.78
C ILE D 234 20.13 -21.70 -2.14
N LYS D 235 19.49 -22.78 -2.58
CA LYS D 235 19.80 -24.13 -2.09
C LYS D 235 21.29 -24.46 -2.24
N GLN D 236 21.83 -24.21 -3.44
CA GLN D 236 23.25 -24.46 -3.69
C GLN D 236 24.16 -23.57 -2.86
N VAL D 237 23.70 -22.36 -2.55
CA VAL D 237 24.47 -21.46 -1.71
C VAL D 237 24.52 -21.99 -0.28
N VAL D 238 23.38 -22.51 0.20
CA VAL D 238 23.30 -23.05 1.55
C VAL D 238 24.17 -24.30 1.70
N LYS D 239 24.08 -25.19 0.73
CA LYS D 239 24.91 -26.39 0.71
C LYS D 239 26.38 -26.01 0.79
N GLN D 240 26.74 -24.95 0.06
CA GLN D 240 28.11 -24.45 0.02
C GLN D 240 28.54 -23.85 1.36
N MET D 241 27.61 -23.26 2.09
CA MET D 241 27.89 -22.67 3.40
C MET D 241 28.07 -23.73 4.46
N PHE D 242 27.25 -24.78 4.41
CA PHE D 242 27.36 -25.87 5.36
C PHE D 242 28.67 -26.64 5.17
N TYR D 243 29.07 -26.82 3.91
CA TYR D 243 30.34 -27.51 3.63
C TYR D 243 31.50 -26.74 4.23
N ILE D 244 31.46 -25.42 4.09
CA ILE D 244 32.53 -24.57 4.61
C ILE D 244 32.60 -24.67 6.15
N VAL D 245 31.43 -24.74 6.77
CA VAL D 245 31.36 -24.90 8.22
C VAL D 245 31.94 -26.24 8.62
N GLY D 246 31.51 -27.29 7.92
CA GLY D 246 31.97 -28.64 8.19
C GLY D 246 33.45 -28.83 7.95
N ALA D 247 33.94 -28.40 6.79
CA ALA D 247 35.33 -28.61 6.42
C ALA D 247 36.30 -27.85 7.33
N ILE D 248 35.94 -26.64 7.71
CA ILE D 248 36.82 -25.84 8.55
C ILE D 248 36.84 -26.38 9.98
N THR D 249 35.69 -26.85 10.45
CA THR D 249 35.58 -27.44 11.77
C THR D 249 36.37 -28.75 11.88
N LEU D 250 36.13 -29.65 10.94
CA LEU D 250 36.82 -30.94 10.94
C LEU D 250 38.33 -30.77 10.88
N ASN D 251 38.80 -29.89 10.01
CA ASN D 251 40.23 -29.63 9.86
C ASN D 251 40.87 -29.12 11.13
N ASN D 252 40.16 -28.26 11.86
CA ASN D 252 40.71 -27.68 13.07
C ASN D 252 40.76 -28.70 14.19
N LEU D 253 39.75 -29.56 14.21
CA LEU D 253 39.68 -30.67 15.16
C LEU D 253 40.84 -31.65 14.92
N LEU D 254 41.16 -31.86 13.64
CA LEU D 254 42.21 -32.79 13.26
C LEU D 254 43.62 -32.25 13.51
N LEU D 255 43.75 -30.94 13.69
CA LEU D 255 45.07 -30.34 13.87
C LEU D 255 45.30 -29.90 15.31
N ARG D 256 44.36 -30.24 16.18
CA ARG D 256 44.43 -29.82 17.58
C ARG D 256 44.12 -30.96 18.53
N LYS D 257 45.09 -31.28 19.40
CA LYS D 257 44.92 -32.35 20.37
C LYS D 257 43.91 -31.98 21.46
N ASP D 258 43.75 -30.68 21.70
CA ASP D 258 42.89 -30.20 22.77
C ASP D 258 41.39 -30.30 22.45
N MET D 259 41.08 -30.62 21.21
CA MET D 259 39.68 -30.68 20.78
C MET D 259 39.13 -32.10 20.65
N CYS D 260 39.99 -33.10 20.83
CA CYS D 260 39.54 -34.49 20.70
C CYS D 260 39.25 -35.15 22.04
N SER D 261 38.07 -34.89 22.58
CA SER D 261 37.63 -35.50 23.82
C SER D 261 36.18 -35.95 23.69
N TRP D 262 35.72 -36.76 24.64
CA TRP D 262 34.34 -37.20 24.66
C TRP D 262 33.41 -36.00 24.79
N SER D 263 33.83 -35.04 25.61
CA SER D 263 33.03 -33.85 25.89
C SER D 263 32.74 -33.06 24.61
N LYS D 264 33.78 -32.83 23.81
CA LYS D 264 33.63 -32.12 22.55
C LYS D 264 32.76 -32.90 21.57
N GLY D 265 32.78 -34.22 21.68
CA GLY D 265 31.93 -35.06 20.85
C GLY D 265 30.47 -34.77 21.17
N MET D 266 30.18 -34.58 22.44
CA MET D 266 28.85 -34.23 22.90
C MET D 266 28.49 -32.84 22.41
N GLN D 267 29.45 -31.92 22.45
CA GLN D 267 29.21 -30.54 22.07
C GLN D 267 29.07 -30.34 20.56
N ILE D 268 29.99 -30.93 19.79
CA ILE D 268 29.94 -30.82 18.33
C ILE D 268 28.62 -31.33 17.78
N ARG D 269 28.20 -32.49 18.26
CA ARG D 269 26.99 -33.12 17.76
C ARG D 269 25.77 -32.26 18.06
N TYR D 270 25.78 -31.62 19.22
CA TYR D 270 24.70 -30.71 19.58
C TYR D 270 24.66 -29.53 18.60
N ASN D 271 25.82 -29.00 18.28
CA ASN D 271 25.92 -27.86 17.37
C ASN D 271 25.44 -28.20 15.97
N VAL D 272 25.73 -29.42 15.53
CA VAL D 272 25.28 -29.88 14.22
C VAL D 272 23.76 -29.98 14.18
N SER D 273 23.17 -30.49 15.26
CA SER D 273 21.72 -30.64 15.37
C SER D 273 21.01 -29.28 15.38
N GLN D 274 21.73 -28.23 15.76
CA GLN D 274 21.22 -26.87 15.66
C GLN D 274 21.24 -26.40 14.22
N LEU D 275 22.18 -26.92 13.44
CA LEU D 275 22.28 -26.58 12.03
C LEU D 275 21.27 -27.37 11.21
N GLU D 276 20.95 -28.58 11.66
CA GLU D 276 19.92 -29.39 11.03
C GLU D 276 18.55 -28.75 11.24
N GLU D 277 18.34 -28.24 12.44
CA GLU D 277 17.11 -27.54 12.78
C GLU D 277 16.94 -26.32 11.89
N TRP D 278 18.05 -25.64 11.62
CA TRP D 278 18.04 -24.45 10.78
C TRP D 278 17.64 -24.77 9.34
N LEU D 279 18.03 -25.93 8.85
CA LEU D 279 17.63 -26.37 7.52
C LEU D 279 16.15 -26.73 7.51
N ARG D 280 15.73 -27.38 8.59
CA ARG D 280 14.37 -27.88 8.71
C ARG D 280 13.36 -26.75 8.83
N ASP D 281 13.80 -25.64 9.42
CA ASP D 281 12.94 -24.47 9.61
C ASP D 281 12.84 -23.62 8.37
N LYS D 282 13.60 -23.97 7.34
CA LYS D 282 13.56 -23.24 6.08
C LYS D 282 13.29 -24.17 4.90
N ASN D 283 12.88 -25.39 5.20
CA ASN D 283 12.63 -26.42 4.20
C ASN D 283 13.80 -26.59 3.24
N LEU D 284 14.99 -26.78 3.80
CA LEU D 284 16.20 -26.97 3.01
C LEU D 284 16.78 -28.36 3.22
N MET D 285 15.92 -29.29 3.59
CA MET D 285 16.34 -30.66 3.84
C MET D 285 16.83 -31.37 2.58
N ASN D 286 16.36 -30.89 1.42
CA ASN D 286 16.76 -31.47 0.14
C ASN D 286 17.78 -30.62 -0.58
N SER D 287 18.41 -29.71 0.14
CA SER D 287 19.41 -28.83 -0.44
C SER D 287 20.72 -29.58 -0.61
N GLY D 288 20.82 -30.70 0.10
CA GLY D 288 22.03 -31.49 0.11
C GLY D 288 23.01 -30.95 1.13
N ALA D 289 22.57 -29.98 1.91
CA ALA D 289 23.43 -29.31 2.87
C ALA D 289 23.81 -30.24 4.01
N LYS D 290 22.82 -30.97 4.52
CA LYS D 290 23.02 -31.87 5.65
C LYS D 290 24.10 -32.93 5.40
N GLU D 291 24.07 -33.49 4.19
CA GLU D 291 24.99 -34.57 3.83
C GLU D 291 26.45 -34.13 3.85
N THR D 292 26.69 -32.85 3.59
CA THR D 292 28.06 -32.31 3.60
C THR D 292 28.65 -32.30 5.01
N LEU D 293 27.80 -32.49 6.01
CA LEU D 293 28.26 -32.48 7.40
C LEU D 293 28.56 -33.88 7.92
N GLU D 294 28.36 -34.89 7.07
CA GLU D 294 28.54 -36.27 7.49
C GLU D 294 29.93 -36.63 8.03
N PRO D 295 31.02 -36.17 7.39
CA PRO D 295 32.33 -36.41 7.98
C PRO D 295 32.47 -35.84 9.40
N LEU D 296 31.99 -34.63 9.61
CA LEU D 296 32.05 -34.00 10.93
C LEU D 296 31.21 -34.74 11.96
N ILE D 297 30.01 -35.17 11.53
CA ILE D 297 29.12 -35.92 12.41
C ILE D 297 29.80 -37.21 12.86
N GLN D 298 30.33 -37.97 11.91
CA GLN D 298 30.97 -39.24 12.19
C GLN D 298 32.22 -39.09 13.05
N ALA D 299 32.96 -38.00 12.86
CA ALA D 299 34.09 -37.72 13.73
C ALA D 299 33.63 -37.47 15.16
N ALA D 300 32.49 -36.80 15.32
CA ALA D 300 31.93 -36.52 16.63
C ALA D 300 31.43 -37.79 17.32
N GLN D 301 30.87 -38.69 16.52
CA GLN D 301 30.43 -39.98 17.01
C GLN D 301 31.62 -40.82 17.45
N LEU D 302 32.70 -40.77 16.67
CA LEU D 302 33.90 -41.54 16.95
C LEU D 302 34.49 -41.19 18.31
N LEU D 303 34.35 -39.93 18.72
CA LEU D 303 34.86 -39.49 20.01
C LEU D 303 34.04 -40.03 21.17
N GLN D 304 32.83 -40.51 20.87
CA GLN D 304 31.93 -40.96 21.93
C GLN D 304 31.83 -42.48 22.04
N VAL D 305 32.13 -43.20 20.96
CA VAL D 305 32.04 -44.66 20.99
C VAL D 305 33.11 -45.25 21.91
N LYS D 306 32.86 -46.46 22.39
CA LYS D 306 33.85 -47.17 23.19
C LYS D 306 35.00 -47.57 22.28
N LYS D 307 36.22 -47.56 22.82
CA LYS D 307 37.42 -47.74 21.99
C LYS D 307 38.40 -48.73 22.59
N LYS D 308 37.90 -49.87 23.08
CA LYS D 308 38.76 -50.81 23.79
C LYS D 308 38.79 -52.23 23.21
N THR D 309 37.62 -52.81 22.99
CA THR D 309 37.54 -54.19 22.52
C THR D 309 37.69 -54.32 21.02
N ASP D 310 37.89 -55.56 20.57
CA ASP D 310 37.93 -55.86 19.14
C ASP D 310 36.60 -55.53 18.48
N ASP D 311 35.51 -55.66 19.24
CA ASP D 311 34.19 -55.34 18.72
C ASP D 311 34.02 -53.83 18.54
N ASP D 312 34.56 -53.07 19.48
CA ASP D 312 34.58 -51.62 19.38
C ASP D 312 35.29 -51.18 18.10
N ALA D 313 36.42 -51.83 17.81
CA ALA D 313 37.16 -51.55 16.60
C ALA D 313 36.34 -51.86 15.35
N GLU D 314 35.70 -53.03 15.36
CA GLU D 314 34.82 -53.45 14.28
C GLU D 314 33.69 -52.46 14.03
N ALA D 315 33.07 -51.98 15.10
CA ALA D 315 31.96 -51.03 14.98
C ALA D 315 32.42 -49.70 14.40
N ILE D 316 33.58 -49.23 14.87
CA ILE D 316 34.20 -48.02 14.36
C ILE D 316 34.42 -48.10 12.85
N CYS D 317 34.91 -49.24 12.38
CA CYS D 317 35.24 -49.43 10.97
C CYS D 317 34.04 -49.39 10.03
N SER D 318 32.85 -49.72 10.53
CA SER D 318 31.66 -49.70 9.69
C SER D 318 30.87 -48.40 9.86
N MET D 319 30.99 -47.78 11.01
CA MET D 319 30.37 -46.48 11.26
C MET D 319 31.01 -45.36 10.44
N CYS D 320 32.34 -45.35 10.40
CA CYS D 320 33.06 -44.21 9.86
C CYS D 320 33.28 -44.30 8.34
N ASN D 321 32.21 -44.63 7.62
CA ASN D 321 32.26 -44.76 6.17
C ASN D 321 32.50 -43.44 5.43
N ALA D 322 32.31 -42.32 6.12
CA ALA D 322 32.48 -41.01 5.49
C ALA D 322 33.79 -40.32 5.88
N LEU D 323 34.54 -40.97 6.76
CA LEU D 323 35.86 -40.48 7.15
C LEU D 323 36.92 -41.35 6.50
N THR D 324 38.07 -40.77 6.19
CA THR D 324 39.17 -41.57 5.66
C THR D 324 39.91 -42.27 6.80
N THR D 325 40.75 -43.22 6.44
CA THR D 325 41.54 -43.94 7.40
C THR D 325 42.45 -42.98 8.16
N ALA D 326 43.10 -42.08 7.43
CA ALA D 326 43.98 -41.09 8.04
C ALA D 326 43.22 -40.27 9.09
N GLN D 327 41.97 -39.92 8.76
CA GLN D 327 41.16 -39.11 9.67
C GLN D 327 40.74 -39.89 10.91
N ILE D 328 40.33 -41.14 10.71
CA ILE D 328 39.96 -42.01 11.82
C ILE D 328 41.13 -42.23 12.78
N VAL D 329 42.30 -42.50 12.21
CA VAL D 329 43.51 -42.74 12.98
C VAL D 329 43.92 -41.49 13.78
N LYS D 330 43.87 -40.33 13.12
CA LYS D 330 44.25 -39.07 13.75
C LYS D 330 43.38 -38.77 14.96
N VAL D 331 42.07 -38.94 14.81
CA VAL D 331 41.14 -38.69 15.91
C VAL D 331 41.44 -39.65 17.07
N LEU D 332 41.64 -40.92 16.75
CA LEU D 332 41.93 -41.92 17.78
C LEU D 332 43.22 -41.61 18.53
N ASN D 333 44.21 -41.09 17.81
CA ASN D 333 45.46 -40.68 18.44
C ASN D 333 45.35 -39.50 19.41
N LEU D 334 44.53 -38.51 19.04
CA LEU D 334 44.45 -37.27 19.80
C LEU D 334 43.56 -37.36 21.04
N TYR D 335 42.79 -38.46 21.14
CA TYR D 335 41.78 -38.59 22.19
C TYR D 335 42.30 -38.38 23.61
N THR D 336 41.47 -37.75 24.45
CA THR D 336 41.86 -37.41 25.82
C THR D 336 40.71 -37.65 26.81
N PRO D 337 40.81 -38.73 27.61
CA PRO D 337 39.76 -39.05 28.58
C PRO D 337 39.83 -38.19 29.84
N GLU D 343 40.52 -44.49 29.92
CA GLU D 343 41.83 -44.88 29.40
C GLU D 343 42.10 -44.24 28.05
N ARG D 344 43.39 -44.16 27.69
CA ARG D 344 43.77 -43.67 26.37
C ARG D 344 43.58 -44.78 25.35
N VAL D 345 43.48 -44.40 24.08
CA VAL D 345 43.38 -45.38 23.01
C VAL D 345 44.73 -46.07 22.86
N SER D 346 44.77 -47.38 23.07
CA SER D 346 46.02 -48.12 23.02
C SER D 346 46.56 -48.17 21.59
N VAL D 347 47.88 -48.30 21.47
CA VAL D 347 48.54 -48.31 20.17
C VAL D 347 48.13 -49.54 19.35
N SER D 348 47.72 -50.61 20.03
CA SER D 348 47.32 -51.82 19.32
C SER D 348 45.88 -51.74 18.83
N PHE D 349 45.05 -50.98 19.54
CA PHE D 349 43.68 -50.74 19.08
C PHE D 349 43.73 -49.94 17.78
N ILE D 350 44.60 -48.94 17.74
CA ILE D 350 44.80 -48.15 16.53
C ILE D 350 45.38 -49.00 15.40
N ARG D 351 46.25 -49.94 15.75
CA ARG D 351 46.81 -50.87 14.78
C ARG D 351 45.73 -51.79 14.21
N THR D 352 44.87 -52.31 15.09
CA THR D 352 43.73 -53.13 14.67
C THR D 352 42.82 -52.41 13.67
N ILE D 353 42.56 -51.13 13.93
CA ILE D 353 41.78 -50.29 13.01
C ILE D 353 42.41 -50.20 11.62
N GLN D 354 43.68 -49.82 11.58
CA GLN D 354 44.41 -49.66 10.31
C GLN D 354 44.49 -50.96 9.52
N MET D 355 44.69 -52.07 10.23
CA MET D 355 44.79 -53.36 9.58
C MET D 355 43.46 -53.72 8.94
N ARG D 356 42.38 -53.57 9.72
CA ARG D 356 41.04 -53.89 9.28
C ARG D 356 40.59 -53.05 8.08
N LEU D 357 41.01 -51.79 8.03
CA LEU D 357 40.56 -50.87 6.97
C LEU D 357 41.27 -51.02 5.64
N ARG D 358 42.23 -51.94 5.55
CA ARG D 358 43.01 -52.12 4.32
C ARG D 358 42.18 -52.49 3.08
N ASP D 359 40.87 -52.68 3.27
CA ASP D 359 39.96 -52.94 2.16
C ASP D 359 39.70 -51.69 1.32
N ARG D 360 40.07 -50.54 1.87
CA ARG D 360 39.82 -49.25 1.22
C ARG D 360 41.02 -48.79 0.39
N LYS D 361 40.80 -48.53 -0.89
CA LYS D 361 41.89 -48.06 -1.74
C LYS D 361 41.67 -46.64 -2.22
N ASP D 362 41.41 -45.75 -1.27
CA ASP D 362 41.49 -44.32 -1.52
C ASP D 362 42.75 -43.87 -0.79
N SER D 363 43.63 -43.16 -1.51
CA SER D 363 44.89 -42.71 -0.92
C SER D 363 44.62 -41.90 0.34
N PRO D 364 45.50 -42.07 1.35
CA PRO D 364 45.26 -41.51 2.68
C PRO D 364 45.36 -40.00 2.71
N GLN D 365 44.25 -39.36 3.05
CA GLN D 365 44.20 -37.92 3.16
C GLN D 365 43.61 -37.52 4.48
N LEU D 366 44.14 -36.44 5.05
CA LEU D 366 43.70 -35.99 6.36
C LEU D 366 42.79 -34.78 6.28
N LEU D 367 43.20 -33.77 5.50
CA LEU D 367 42.52 -32.48 5.52
C LEU D 367 41.53 -32.26 4.39
N MET D 368 40.34 -31.81 4.77
CA MET D 368 39.33 -31.39 3.80
C MET D 368 39.78 -30.11 3.10
N ASP D 369 39.44 -29.99 1.82
CA ASP D 369 39.67 -28.75 1.09
C ASP D 369 38.55 -27.77 1.42
N ALA D 370 38.87 -26.72 2.17
CA ALA D 370 37.85 -25.77 2.61
C ALA D 370 37.52 -24.72 1.54
N LYS D 371 38.29 -24.70 0.45
CA LYS D 371 38.02 -23.77 -0.64
C LYS D 371 37.32 -24.47 -1.79
N HIS D 372 36.93 -25.73 -1.60
CA HIS D 372 36.22 -26.47 -2.63
C HIS D 372 34.83 -25.87 -2.90
N ILE D 373 34.51 -25.67 -4.18
CA ILE D 373 33.21 -25.13 -4.56
C ILE D 373 32.46 -26.07 -5.51
N PHE D 374 31.34 -26.61 -5.05
CA PHE D 374 30.50 -27.44 -5.89
C PHE D 374 30.07 -26.65 -7.12
N PRO D 375 30.20 -27.26 -8.31
CA PRO D 375 29.86 -26.57 -9.57
C PRO D 375 28.39 -26.14 -9.62
N VAL D 376 28.16 -24.87 -9.89
CA VAL D 376 26.83 -24.26 -9.81
C VAL D 376 25.99 -24.42 -11.08
N THR D 377 24.70 -24.74 -10.91
CA THR D 377 23.77 -24.77 -12.05
C THR D 377 22.72 -23.68 -11.91
N PHE D 378 22.35 -23.06 -13.02
CA PHE D 378 21.28 -22.07 -13.03
C PHE D 378 20.13 -22.54 -13.90
N PRO D 379 19.32 -23.49 -13.39
CA PRO D 379 18.21 -24.00 -14.22
C PRO D 379 17.20 -22.90 -14.55
N PHE D 380 16.61 -23.00 -15.73
CA PHE D 380 15.67 -22.00 -16.23
C PHE D 380 14.48 -21.81 -15.29
N ASN D 381 14.20 -20.55 -14.97
CA ASN D 381 13.10 -20.23 -14.05
C ASN D 381 12.22 -19.11 -14.59
N PRO D 382 11.20 -19.47 -15.39
CA PRO D 382 10.32 -18.49 -16.02
C PRO D 382 9.53 -17.70 -14.98
N SER D 383 9.30 -16.42 -15.25
CA SER D 383 8.50 -15.60 -14.35
C SER D 383 7.13 -15.36 -14.95
N SER D 384 6.12 -15.29 -14.10
CA SER D 384 4.75 -15.04 -14.54
C SER D 384 4.45 -13.55 -14.57
N LEU D 385 5.50 -12.73 -14.55
CA LEU D 385 5.32 -11.29 -14.52
C LEU D 385 4.97 -10.75 -15.90
N ALA D 386 3.93 -9.93 -15.95
CA ALA D 386 3.49 -9.36 -17.22
C ALA D 386 4.29 -8.10 -17.54
N LEU D 387 5.07 -8.15 -18.62
CA LEU D 387 5.89 -7.02 -19.03
C LEU D 387 5.04 -5.81 -19.41
N GLU D 388 3.82 -6.06 -19.88
CA GLU D 388 2.96 -4.99 -20.37
C GLU D 388 2.45 -4.05 -19.27
N THR D 389 2.49 -4.50 -18.02
CA THR D 389 2.01 -3.70 -16.89
C THR D 389 3.14 -3.20 -16.01
N ILE D 390 4.37 -3.24 -16.50
CA ILE D 390 5.50 -2.74 -15.73
C ILE D 390 5.69 -1.24 -15.91
N GLN D 391 5.78 -0.52 -14.80
CA GLN D 391 6.05 0.91 -14.82
C GLN D 391 7.47 1.18 -14.36
N ILE D 392 7.95 2.40 -14.59
CA ILE D 392 9.31 2.75 -14.23
C ILE D 392 9.35 3.72 -13.07
N PRO D 393 9.52 3.21 -11.84
CA PRO D 393 9.50 4.02 -10.62
C PRO D 393 10.45 5.22 -10.72
N ALA D 394 10.00 6.38 -10.27
CA ALA D 394 10.75 7.61 -10.47
C ALA D 394 12.10 7.62 -9.74
N SER D 395 12.24 6.80 -8.71
CA SER D 395 13.48 6.79 -7.93
C SER D 395 14.65 6.12 -8.65
N LEU D 396 14.38 5.50 -9.79
CA LEU D 396 15.47 4.88 -10.56
C LEU D 396 16.22 5.92 -11.38
N GLY D 397 15.60 7.10 -11.54
CA GLY D 397 16.23 8.18 -12.28
C GLY D 397 16.30 7.87 -13.76
N LEU D 398 15.24 7.24 -14.27
CA LEU D 398 15.19 6.82 -15.65
C LEU D 398 14.04 7.50 -16.39
N GLY D 399 13.83 8.78 -16.10
CA GLY D 399 12.74 9.53 -16.70
C GLY D 399 12.90 9.69 -18.20
N PHE D 400 14.13 9.53 -18.67
CA PHE D 400 14.46 9.74 -20.08
C PHE D 400 14.06 8.58 -20.99
N ILE D 401 13.58 7.49 -20.41
CA ILE D 401 13.10 6.37 -21.23
C ILE D 401 11.58 6.31 -21.24
N ALA D 402 11.02 5.70 -22.28
CA ALA D 402 9.57 5.71 -22.46
C ALA D 402 9.03 4.32 -22.74
N ARG D 403 7.80 4.08 -22.29
CA ARG D 403 7.15 2.80 -22.50
C ARG D 403 6.56 2.73 -23.90
N VAL D 404 6.56 1.54 -24.47
CA VAL D 404 6.02 1.33 -25.81
C VAL D 404 5.17 0.07 -25.84
N GLU E 20 9.14 -9.58 9.38
CA GLU E 20 10.42 -9.00 8.98
C GLU E 20 10.38 -7.48 9.13
N ASP E 21 9.17 -6.94 9.26
CA ASP E 21 8.98 -5.51 9.36
C ASP E 21 8.24 -5.15 10.65
N GLU E 22 8.06 -6.15 11.50
CA GLU E 22 7.37 -6.00 12.78
C GLU E 22 7.96 -4.82 13.56
N GLY E 23 9.28 -4.79 13.65
CA GLY E 23 9.98 -3.72 14.34
C GLY E 23 9.92 -2.40 13.58
N ALA E 24 9.89 -2.47 12.26
CA ALA E 24 9.78 -1.26 11.46
C ALA E 24 8.41 -0.61 11.62
N LEU E 25 7.35 -1.37 11.33
CA LEU E 25 5.99 -0.86 11.43
C LEU E 25 5.63 -0.36 12.83
N ALA E 26 6.27 -0.94 13.85
CA ALA E 26 5.97 -0.62 15.24
C ALA E 26 6.72 0.62 15.71
N LYS E 27 7.70 1.05 14.92
CA LYS E 27 8.52 2.18 15.30
C LYS E 27 7.76 3.48 15.24
N SER E 28 8.23 4.46 16.01
CA SER E 28 7.72 5.82 15.89
C SER E 28 8.25 6.38 14.58
N PRO E 29 7.39 7.06 13.80
CA PRO E 29 7.73 7.57 12.47
C PRO E 29 8.98 8.44 12.45
N LEU E 30 9.15 9.26 13.49
CA LEU E 30 10.29 10.18 13.53
C LEU E 30 11.58 9.43 13.85
N GLN E 31 11.49 8.12 13.98
CA GLN E 31 12.66 7.31 14.25
C GLN E 31 12.88 6.18 13.26
N LEU E 32 12.10 6.18 12.19
CA LEU E 32 12.39 5.31 11.06
C LEU E 32 13.74 5.68 10.47
N THR E 33 14.50 4.67 10.04
CA THR E 33 15.67 4.88 9.21
C THR E 33 15.31 4.49 7.78
N THR E 34 16.15 4.84 6.82
CA THR E 34 15.90 4.43 5.43
C THR E 34 15.94 2.91 5.30
N ASP E 35 16.72 2.25 6.16
CA ASP E 35 16.72 0.79 6.22
C ASP E 35 15.35 0.23 6.61
N ASP E 36 14.71 0.87 7.58
CA ASP E 36 13.37 0.46 8.02
C ASP E 36 12.36 0.57 6.88
N VAL E 37 12.49 1.62 6.08
CA VAL E 37 11.61 1.82 4.94
C VAL E 37 11.83 0.70 3.91
N TYR E 38 13.09 0.39 3.64
CA TYR E 38 13.45 -0.71 2.75
C TYR E 38 12.87 -2.06 3.22
N ASP E 39 12.89 -2.27 4.53
CA ASP E 39 12.33 -3.49 5.11
C ASP E 39 10.83 -3.58 4.87
N ILE E 40 10.12 -2.50 5.19
CA ILE E 40 8.68 -2.42 4.96
C ILE E 40 8.35 -2.66 3.50
N SER E 41 9.18 -2.11 2.62
CA SER E 41 8.97 -2.25 1.17
C SER E 41 9.01 -3.70 0.73
N TYR E 42 9.93 -4.48 1.28
CA TYR E 42 10.05 -5.88 0.90
C TYR E 42 8.81 -6.68 1.27
N VAL E 43 8.34 -6.54 2.50
CA VAL E 43 7.20 -7.35 2.94
C VAL E 43 5.89 -6.90 2.30
N VAL E 44 5.76 -5.60 2.03
CA VAL E 44 4.60 -5.11 1.29
C VAL E 44 4.65 -5.66 -0.13
N GLY E 45 5.85 -5.69 -0.71
CA GLY E 45 6.07 -6.29 -2.02
C GLY E 45 5.64 -7.75 -2.10
N ARG E 46 5.98 -8.53 -1.07
CA ARG E 46 5.59 -9.95 -1.03
C ARG E 46 4.08 -10.09 -1.02
N GLU E 47 3.42 -9.30 -0.19
CA GLU E 47 1.99 -9.39 -0.04
C GLU E 47 1.26 -8.97 -1.32
N LEU E 48 1.79 -7.94 -1.98
CA LEU E 48 1.27 -7.52 -3.28
C LEU E 48 1.46 -8.61 -4.33
N MET E 49 2.66 -9.19 -4.36
CA MET E 49 3.00 -10.26 -5.30
C MET E 49 2.10 -11.48 -5.11
N ALA E 50 1.82 -11.82 -3.85
CA ALA E 50 0.97 -12.95 -3.55
C ALA E 50 -0.49 -12.73 -3.97
N LEU E 51 -0.82 -11.53 -4.43
CA LEU E 51 -2.19 -11.25 -4.87
C LEU E 51 -2.41 -11.48 -6.36
N GLY E 52 -1.32 -11.78 -7.08
CA GLY E 52 -1.44 -12.20 -8.47
C GLY E 52 -1.22 -11.12 -9.49
N SER E 53 -1.63 -11.43 -10.73
CA SER E 53 -1.33 -10.58 -11.89
C SER E 53 -2.49 -9.70 -12.34
N ASP E 54 -3.51 -9.56 -11.49
CA ASP E 54 -4.60 -8.61 -11.74
C ASP E 54 -4.00 -7.24 -12.05
N PRO E 55 -4.33 -6.67 -13.22
CA PRO E 55 -3.74 -5.40 -13.64
C PRO E 55 -4.04 -4.24 -12.70
N ARG E 56 -5.08 -4.35 -11.88
CA ARG E 56 -5.35 -3.31 -10.90
C ARG E 56 -4.61 -3.56 -9.59
N VAL E 57 -4.13 -4.79 -9.41
CA VAL E 57 -3.18 -5.06 -8.33
C VAL E 57 -1.86 -4.39 -8.67
N THR E 58 -1.48 -4.46 -9.94
CA THR E 58 -0.22 -3.87 -10.39
C THR E 58 -0.26 -2.34 -10.33
N ARG E 59 -1.38 -1.75 -10.73
CA ARG E 59 -1.54 -0.30 -10.59
C ARG E 59 -1.42 0.14 -9.15
N LEU E 60 -2.04 -0.62 -8.25
CA LEU E 60 -1.92 -0.37 -6.82
C LEU E 60 -0.47 -0.54 -6.36
N GLN E 61 0.21 -1.55 -6.90
CA GLN E 61 1.60 -1.83 -6.56
C GLN E 61 2.51 -0.63 -6.84
N PHE E 62 2.44 -0.09 -8.06
CA PHE E 62 3.26 1.06 -8.41
C PHE E 62 2.84 2.33 -7.71
N LYS E 63 1.59 2.37 -7.25
CA LYS E 63 1.11 3.48 -6.45
C LYS E 63 1.73 3.40 -5.05
N ILE E 64 1.79 2.18 -4.50
CA ILE E 64 2.46 1.94 -3.23
C ILE E 64 3.97 2.19 -3.33
N VAL E 65 4.57 1.88 -4.48
CA VAL E 65 5.98 2.20 -4.69
C VAL E 65 6.20 3.70 -4.51
N ARG E 66 5.33 4.51 -5.11
CA ARG E 66 5.43 5.97 -5.01
CA ARG E 66 5.43 5.97 -5.01
C ARG E 66 5.31 6.44 -3.56
N VAL E 67 4.35 5.87 -2.83
CA VAL E 67 4.17 6.22 -1.42
C VAL E 67 5.43 5.89 -0.60
N MET E 68 6.00 4.71 -0.83
CA MET E 68 7.21 4.30 -0.11
C MET E 68 8.40 5.17 -0.49
N GLU E 69 8.49 5.54 -1.77
CA GLU E 69 9.49 6.49 -2.24
C GLU E 69 9.42 7.82 -1.49
N MET E 70 8.21 8.33 -1.31
CA MET E 70 8.01 9.60 -0.61
C MET E 70 8.38 9.44 0.85
N LEU E 71 8.05 8.28 1.42
CA LEU E 71 8.41 7.96 2.78
C LEU E 71 9.93 7.90 2.95
N GLU E 72 10.60 7.21 2.02
CA GLU E 72 12.06 7.15 2.05
C GLU E 72 12.69 8.55 2.04
N THR E 73 12.25 9.38 1.09
CA THR E 73 12.79 10.73 0.95
C THR E 73 12.66 11.55 2.25
N LEU E 74 11.45 11.62 2.79
CA LEU E 74 11.20 12.39 4.02
C LEU E 74 12.01 11.86 5.20
N VAL E 75 12.13 10.54 5.31
CA VAL E 75 12.97 9.95 6.35
C VAL E 75 14.43 10.33 6.13
N ASN E 76 14.90 10.19 4.89
CA ASN E 76 16.28 10.50 4.53
C ASN E 76 16.66 11.96 4.75
N GLU E 77 15.87 12.87 4.17
CA GLU E 77 16.05 14.31 4.34
C GLU E 77 16.14 14.72 5.80
N GLY E 78 15.17 14.27 6.59
CA GLY E 78 15.12 14.61 8.01
C GLY E 78 16.35 14.16 8.78
N SER E 79 16.77 12.92 8.54
CA SER E 79 17.94 12.37 9.21
C SER E 79 19.22 13.13 8.82
N LEU E 80 19.43 13.35 7.53
CA LEU E 80 20.61 14.08 7.07
C LEU E 80 20.65 15.52 7.61
N ALA E 81 19.53 16.24 7.50
CA ALA E 81 19.46 17.62 7.98
C ALA E 81 19.72 17.71 9.49
N VAL E 82 19.05 16.84 10.26
CA VAL E 82 19.25 16.81 11.71
C VAL E 82 20.70 16.52 12.07
N GLU E 83 21.30 15.56 11.37
CA GLU E 83 22.69 15.18 11.65
C GLU E 83 23.69 16.32 11.37
N GLU E 84 23.54 17.00 10.24
CA GLU E 84 24.43 18.08 9.87
C GLU E 84 24.30 19.26 10.84
N LEU E 85 23.06 19.58 11.20
CA LEU E 85 22.82 20.66 12.15
C LEU E 85 23.38 20.32 13.54
N ARG E 86 23.35 19.04 13.90
CA ARG E 86 23.90 18.62 15.21
C ARG E 86 25.40 18.85 15.32
N MET E 87 26.15 18.45 14.29
CA MET E 87 27.59 18.70 14.24
C MET E 87 27.90 20.18 14.35
N GLU E 88 27.26 20.96 13.48
CA GLU E 88 27.45 22.40 13.42
C GLU E 88 27.19 23.03 14.78
N ARG E 89 26.08 22.62 15.40
CA ARG E 89 25.68 23.11 16.71
C ARG E 89 26.70 22.73 17.79
N ASP E 90 27.17 21.49 17.76
CA ASP E 90 28.17 21.05 18.73
C ASP E 90 29.46 21.86 18.57
N ASN E 91 29.92 21.99 17.33
CA ASN E 91 31.13 22.75 17.05
C ASN E 91 30.99 24.23 17.45
N LEU E 92 29.84 24.81 17.17
CA LEU E 92 29.58 26.20 17.54
C LEU E 92 29.58 26.40 19.05
N LYS E 93 29.03 25.45 19.78
CA LYS E 93 29.03 25.51 21.24
C LYS E 93 30.44 25.45 21.82
N GLN E 94 31.32 24.70 21.18
CA GLN E 94 32.71 24.66 21.62
C GLN E 94 33.42 25.98 21.35
N GLU E 95 33.15 26.56 20.18
CA GLU E 95 33.73 27.84 19.83
C GLU E 95 33.26 28.96 20.78
N VAL E 96 31.95 29.02 21.03
CA VAL E 96 31.38 30.01 21.94
C VAL E 96 31.98 29.92 23.35
N GLU E 97 32.17 28.70 23.83
CA GLU E 97 32.75 28.48 25.16
C GLU E 97 34.16 29.07 25.26
N GLY E 98 34.96 28.87 24.22
CA GLY E 98 36.31 29.41 24.20
C GLY E 98 36.30 30.92 24.15
N LEU E 99 35.41 31.48 23.34
CA LEU E 99 35.32 32.93 23.17
C LEU E 99 34.81 33.60 24.44
N ARG E 100 34.11 32.85 25.27
CA ARG E 100 33.64 33.36 26.57
C ARG E 100 34.79 33.47 27.57
N LYS E 101 35.79 32.60 27.44
CA LYS E 101 36.98 32.68 28.29
C LYS E 101 38.02 33.59 27.68
N LYS F 19 9.73 -15.92 -39.69
CA LYS F 19 10.95 -15.24 -40.13
C LYS F 19 12.18 -15.84 -39.46
N LYS F 20 13.30 -15.83 -40.18
CA LYS F 20 14.58 -16.28 -39.63
C LYS F 20 15.23 -15.18 -38.78
N LYS F 21 15.60 -15.54 -37.56
CA LYS F 21 16.26 -14.61 -36.64
C LYS F 21 17.77 -14.56 -36.88
N ARG F 22 18.25 -13.38 -37.26
CA ARG F 22 19.68 -13.18 -37.49
C ARG F 22 20.49 -13.38 -36.23
N LEU F 23 21.40 -14.35 -36.26
CA LEU F 23 22.26 -14.64 -35.13
C LEU F 23 23.35 -13.59 -35.01
N LEU F 24 23.56 -13.08 -33.79
CA LEU F 24 24.63 -12.11 -33.55
C LEU F 24 25.83 -12.78 -32.90
N SER F 25 27.03 -12.29 -33.23
CA SER F 25 28.26 -12.85 -32.69
C SER F 25 28.66 -12.22 -31.36
N PHE F 26 28.93 -13.07 -30.37
CA PHE F 26 29.42 -12.60 -29.07
C PHE F 26 30.56 -13.47 -28.52
N ARG F 27 31.72 -12.83 -28.36
CA ARG F 27 32.89 -13.46 -27.75
C ARG F 27 33.35 -12.61 -26.60
N ASP F 28 34.12 -13.20 -25.67
CA ASP F 28 34.65 -12.47 -24.52
C ASP F 28 35.48 -11.26 -24.94
N VAL F 29 36.05 -11.35 -26.13
CA VAL F 29 36.90 -10.30 -26.66
C VAL F 29 36.07 -9.05 -27.02
N ASP F 30 34.82 -9.27 -27.40
CA ASP F 30 33.91 -8.16 -27.73
C ASP F 30 33.48 -7.37 -26.50
N PHE F 31 33.86 -7.85 -25.32
CA PHE F 31 33.53 -7.18 -24.07
C PHE F 31 34.77 -6.53 -23.44
N GLU F 32 34.64 -6.18 -22.16
CA GLU F 32 35.69 -5.49 -21.41
C GLU F 32 36.11 -4.19 -22.09
#